data_4M7A
#
_entry.id   4M7A
#
_cell.length_a   117.624
_cell.length_b   78.379
_cell.length_c   140.565
_cell.angle_alpha   90.00
_cell.angle_beta   100.58
_cell.angle_gamma   90.00
#
_symmetry.space_group_name_H-M   'C 1 2 1'
#
loop_
_entity.id
_entity.type
_entity.pdbx_description
1 polymer 'U6 snRNA-associated Sm-like protein LSm8'
2 polymer 'U6 snRNA-associated Sm-like protein LSm2'
3 polymer 'U6 snRNA-associated Sm-like protein LSm3'
4 polymer 'U6 snRNA-associated Sm-like protein LSm6'
5 polymer 'U6 snRNA-associated Sm-like protein LSm5'
6 polymer 'U6 snRNA-associated Sm-like protein LSm7'
7 polymer 'U6 snRNA-associated Sm-like protein LSm4'
8 polymer 'U6 snRNA'
#
loop_
_entity_poly.entity_id
_entity_poly.type
_entity_poly.pdbx_seq_one_letter_code
_entity_poly.pdbx_strand_id
1 'polypeptide(L)'
;MSATLKDYLNKRVVIILVDGESLIASLNGFDKNTNLFLTNVFNRISKEFISKAQLLRGSEIALVGLIDAENDDSLAPIDE
KKVPMLKDTKNKIENE
;
A,H
2 'polypeptide(L)'
;MLFFSFFKTLVDQEVVVELKNDIEIKGTLQSVDQFLNLKLDNISSTDEKKYPHLGSVRNIFIRGSTVRYVYLNKNMVDTN
LLQDATRREVMTERK
;
B,I
3 'polypeptide(L)'
;METPLDLLKLNLDERVYIKLRGARTLVGTLQAFDSHSNIVLSDAVETIYQLNNEELSESERRSEMVFIRGDTVTLISTPS
EDDDGAVEI
;
C,J
4 'polypeptide(L)'
;MSGKASTEGSVTTEFLSDIIGKTVNVKLASGLLYSGRLESIDGFMNVALSSATEHYESNNNKLLNKFNSDVFLRGTQVMY
ISEQKI
;
D,K
5 'polypeptide(L)'
;MSLPEILPLEVIDKTINQKVLIVLQSNREFEGTLVGFDDFVNVILEDAVEWLIDPEDESRNEKVMQHHGRMLLSGNNIAI
LVPGGKKTPTEAL
;
E,L
6 'polypeptide(L)'
;MHQQHSKSENKPQQQRKKFEGPKREAILDLAKYKDSKIRVKLMGGKLVIGVLKGYDQLMNLVLDDTVEYMSNPDDENNTE
LISKNARKLGLTVIRGTILVSLSSAEGSDVLYMQK
;
F,M
7 'polypeptide(L)'
;MLPLYLLTNAKGQQMQIELKNGEIIQGILTNVDNWMNLTLSNVTEYSEESAINSEDNAESSKAVKLNEIYIRGTFIKFIK
LQDNIIDKVKQQI
;
G,N
8 'polyribonucleotide' UUCGUUUU O,P
#
# COMPACT_ATOMS: atom_id res chain seq x y z
N THR A 4 13.70 -2.13 -34.29
CA THR A 4 12.82 -3.08 -34.96
C THR A 4 13.05 -4.48 -34.38
N LEU A 5 11.98 -5.23 -34.21
CA LEU A 5 12.08 -6.58 -33.66
C LEU A 5 12.35 -7.60 -34.73
N LYS A 6 12.70 -7.14 -35.94
CA LYS A 6 12.81 -8.03 -37.08
C LYS A 6 13.85 -9.15 -36.90
N ASP A 7 14.98 -8.85 -36.29
CA ASP A 7 16.02 -9.87 -36.12
C ASP A 7 15.57 -11.01 -35.20
N TYR A 8 14.39 -10.88 -34.60
CA TYR A 8 13.94 -11.85 -33.61
C TYR A 8 12.89 -12.84 -34.13
N LEU A 9 12.28 -12.52 -35.28
CA LEU A 9 11.33 -13.44 -35.94
C LEU A 9 11.78 -14.92 -35.97
N ASN A 10 10.86 -15.80 -35.60
CA ASN A 10 11.09 -17.24 -35.58
C ASN A 10 12.11 -17.76 -34.58
N LYS A 11 12.79 -16.86 -33.89
CA LYS A 11 13.72 -17.26 -32.85
C LYS A 11 12.99 -17.35 -31.52
N ARG A 12 13.59 -18.03 -30.54
CA ARG A 12 13.02 -18.06 -29.18
C ARG A 12 13.41 -16.79 -28.43
N VAL A 13 12.50 -16.36 -27.58
CA VAL A 13 12.66 -15.11 -26.86
C VAL A 13 12.23 -15.24 -25.41
N VAL A 14 12.78 -14.31 -24.63
CA VAL A 14 12.40 -14.03 -23.26
C VAL A 14 11.50 -12.82 -23.36
N ILE A 15 10.42 -12.82 -22.61
CA ILE A 15 9.49 -11.72 -22.64
C ILE A 15 9.25 -11.29 -21.22
N ILE A 16 9.45 -10.01 -20.92
CA ILE A 16 9.06 -9.49 -19.62
C ILE A 16 7.91 -8.53 -19.76
N LEU A 17 6.85 -8.83 -19.03
CA LEU A 17 5.65 -8.04 -19.02
C LEU A 17 5.82 -6.90 -18.03
N VAL A 18 5.00 -5.86 -18.15
CA VAL A 18 5.17 -4.68 -17.30
C VAL A 18 4.97 -5.05 -15.84
N ASP A 19 4.09 -6.02 -15.58
CA ASP A 19 3.80 -6.45 -14.21
C ASP A 19 4.90 -7.34 -13.63
N GLY A 20 6.01 -7.44 -14.35
CA GLY A 20 7.17 -8.18 -13.89
C GLY A 20 7.10 -9.67 -14.13
N GLU A 21 6.04 -10.12 -14.79
CA GLU A 21 5.93 -11.54 -15.13
C GLU A 21 6.93 -11.89 -16.23
N SER A 22 7.17 -13.18 -16.42
CA SER A 22 8.14 -13.64 -17.42
C SER A 22 7.67 -14.83 -18.27
N LEU A 23 7.79 -14.66 -19.57
CA LEU A 23 7.44 -15.69 -20.56
C LEU A 23 8.64 -16.17 -21.40
N ILE A 24 8.54 -17.38 -21.95
CA ILE A 24 9.48 -17.85 -22.97
C ILE A 24 8.71 -18.33 -24.18
N ALA A 25 9.01 -17.79 -25.36
CA ALA A 25 8.24 -18.26 -26.51
C ALA A 25 8.95 -18.18 -27.86
N SER A 26 8.30 -18.69 -28.89
CA SER A 26 8.72 -18.38 -30.25
C SER A 26 7.99 -17.11 -30.75
N LEU A 27 8.76 -16.08 -31.07
CA LEU A 27 8.18 -14.86 -31.62
C LEU A 27 7.83 -15.01 -33.10
N ASN A 28 6.54 -15.01 -33.41
CA ASN A 28 6.15 -15.24 -34.79
C ASN A 28 5.74 -13.98 -35.55
N GLY A 29 4.85 -13.22 -34.97
CA GLY A 29 4.43 -11.95 -35.54
C GLY A 29 4.60 -10.79 -34.58
N PHE A 30 4.67 -9.57 -35.12
CA PHE A 30 4.73 -8.37 -34.30
C PHE A 30 4.34 -7.19 -35.15
N ASP A 31 3.58 -6.27 -34.57
CA ASP A 31 3.16 -5.07 -35.27
C ASP A 31 3.80 -3.79 -34.75
N LYS A 32 3.41 -2.64 -35.30
CA LYS A 32 4.00 -1.35 -34.92
C LYS A 32 3.65 -0.95 -33.48
N ASN A 33 2.52 -1.44 -32.99
CA ASN A 33 2.09 -1.21 -31.61
C ASN A 33 2.71 -2.19 -30.60
N THR A 34 3.59 -3.07 -31.10
CA THR A 34 4.25 -4.15 -30.35
C THR A 34 3.31 -5.30 -29.94
N ASN A 35 2.17 -5.43 -30.59
CA ASN A 35 1.41 -6.66 -30.45
C ASN A 35 2.29 -7.79 -30.95
N LEU A 36 2.59 -8.73 -30.06
CA LEU A 36 3.38 -9.89 -30.38
C LEU A 36 2.47 -11.06 -30.65
N PHE A 37 2.73 -11.77 -31.75
CA PHE A 37 2.14 -13.10 -32.00
C PHE A 37 3.09 -14.22 -31.52
N LEU A 38 2.62 -15.08 -30.65
CA LEU A 38 3.49 -16.06 -30.01
C LEU A 38 3.12 -17.53 -30.20
N THR A 39 4.15 -18.37 -30.16
CA THR A 39 3.96 -19.80 -30.26
C THR A 39 4.77 -20.55 -29.18
N ASN A 40 4.21 -21.67 -28.75
CA ASN A 40 4.83 -22.50 -27.72
C ASN A 40 5.29 -21.75 -26.50
N VAL A 41 4.32 -21.22 -25.77
CA VAL A 41 4.58 -20.29 -24.68
C VAL A 41 4.62 -20.99 -23.32
N PHE A 42 5.41 -20.41 -22.43
CA PHE A 42 5.70 -21.00 -21.13
C PHE A 42 6.01 -19.91 -20.12
N ASN A 43 5.75 -20.22 -18.85
CA ASN A 43 6.06 -19.34 -17.74
C ASN A 43 7.52 -19.52 -17.39
N ARG A 44 8.38 -18.53 -17.64
CA ARG A 44 9.81 -18.69 -17.37
C ARG A 44 10.09 -19.22 -15.97
N ILE A 45 9.47 -18.61 -14.96
CA ILE A 45 9.60 -19.15 -13.61
C ILE A 45 8.95 -20.53 -13.48
N SER A 46 7.70 -20.60 -13.92
CA SER A 46 6.88 -21.80 -13.78
C SER A 46 7.39 -22.98 -14.59
N LYS A 47 7.88 -22.71 -15.78
CA LYS A 47 8.16 -23.75 -16.74
C LYS A 47 6.85 -24.46 -17.03
N GLU A 48 5.78 -23.68 -17.04
CA GLU A 48 4.43 -24.17 -17.29
C GLU A 48 3.96 -23.68 -18.65
N PHE A 49 3.41 -24.60 -19.44
CA PHE A 49 3.07 -24.35 -20.82
C PHE A 49 1.70 -23.70 -20.90
N ILE A 50 1.68 -22.39 -21.12
CA ILE A 50 0.42 -21.66 -21.20
C ILE A 50 -0.39 -21.95 -22.46
N SER A 51 0.29 -22.05 -23.60
CA SER A 51 -0.41 -22.33 -24.85
C SER A 51 0.52 -22.59 -26.04
N LYS A 52 -0.05 -23.12 -27.11
CA LYS A 52 0.67 -23.40 -28.33
C LYS A 52 0.68 -22.13 -29.20
N ALA A 53 -0.42 -21.39 -29.18
CA ALA A 53 -0.48 -20.10 -29.88
C ALA A 53 -1.17 -19.05 -29.02
N GLN A 54 -0.57 -17.87 -28.91
CA GLN A 54 -1.21 -16.82 -28.14
C GLN A 54 -0.89 -15.43 -28.63
N LEU A 55 -1.84 -14.53 -28.47
CA LEU A 55 -1.68 -13.14 -28.92
C LEU A 55 -1.49 -12.23 -27.70
N LEU A 56 -0.48 -11.39 -27.76
CA LEU A 56 -0.12 -10.55 -26.61
C LEU A 56 -0.05 -9.07 -26.98
N ARG A 57 -0.67 -8.24 -26.13
CA ARG A 57 -0.78 -6.79 -26.36
C ARG A 57 0.50 -6.03 -26.05
N GLY A 58 0.84 -5.09 -26.92
CA GLY A 58 2.03 -4.27 -26.78
C GLY A 58 2.06 -3.56 -25.46
N SER A 59 0.88 -3.17 -24.98
CA SER A 59 0.75 -2.55 -23.68
C SER A 59 1.46 -3.37 -22.60
N GLU A 60 1.41 -4.68 -22.70
CA GLU A 60 1.89 -5.53 -21.63
C GLU A 60 3.38 -5.75 -21.70
N ILE A 61 3.97 -5.39 -22.83
CA ILE A 61 5.37 -5.70 -23.02
C ILE A 61 6.26 -4.62 -22.41
N ALA A 62 7.13 -5.06 -21.51
CA ALA A 62 8.18 -4.20 -21.01
C ALA A 62 9.39 -4.45 -21.89
N LEU A 63 9.66 -5.72 -22.14
CA LEU A 63 10.99 -6.08 -22.53
C LEU A 63 11.11 -7.37 -23.36
N VAL A 64 11.81 -7.32 -24.49
CA VAL A 64 12.03 -8.55 -25.24
C VAL A 64 13.52 -8.84 -25.28
N GLY A 65 13.87 -10.12 -25.12
CA GLY A 65 15.26 -10.55 -25.11
C GLY A 65 15.48 -11.76 -25.98
N LEU A 66 16.55 -11.75 -26.77
CA LEU A 66 16.85 -12.86 -27.66
C LEU A 66 17.72 -13.90 -26.98
N ILE A 67 17.23 -15.13 -26.97
CA ILE A 67 17.97 -16.23 -26.36
C ILE A 67 18.12 -17.38 -27.32
N MET B 1 10.46 14.70 -32.04
CA MET B 1 11.45 14.33 -33.07
C MET B 1 12.91 14.57 -32.66
N LEU B 2 13.11 15.41 -31.66
CA LEU B 2 14.43 15.78 -31.18
C LEU B 2 15.16 14.66 -30.42
N PHE B 3 14.48 14.05 -29.47
CA PHE B 3 15.10 13.04 -28.63
C PHE B 3 15.53 11.80 -29.43
N PHE B 4 14.82 11.52 -30.52
CA PHE B 4 15.27 10.54 -31.51
C PHE B 4 16.67 10.91 -32.04
N SER B 5 16.84 12.11 -32.59
CA SER B 5 18.17 12.61 -32.99
C SER B 5 19.26 12.40 -31.93
N PHE B 6 18.93 12.77 -30.70
CA PHE B 6 19.83 12.64 -29.56
C PHE B 6 20.29 11.20 -29.34
N PHE B 7 19.32 10.32 -29.19
CA PHE B 7 19.60 8.92 -29.05
C PHE B 7 20.46 8.37 -30.22
N LYS B 8 20.16 8.77 -31.45
CA LYS B 8 21.02 8.41 -32.59
C LYS B 8 22.48 8.84 -32.34
N THR B 9 22.68 10.02 -31.75
CA THR B 9 24.05 10.39 -31.39
C THR B 9 24.56 9.57 -30.22
N LEU B 10 23.74 8.70 -29.66
CA LEU B 10 24.29 7.86 -28.58
C LEU B 10 24.63 6.39 -28.91
N VAL B 11 24.73 6.04 -30.18
CA VAL B 11 24.91 4.62 -30.51
C VAL B 11 26.35 4.11 -30.31
N ASP B 12 26.44 2.88 -29.80
CA ASP B 12 27.70 2.22 -29.42
C ASP B 12 28.24 2.74 -28.10
N GLN B 13 27.41 3.50 -27.38
CA GLN B 13 27.77 3.97 -26.05
C GLN B 13 27.21 3.03 -25.00
N GLU B 14 27.90 2.93 -23.87
CA GLU B 14 27.36 2.19 -22.76
C GLU B 14 26.44 3.05 -21.95
N VAL B 15 25.26 2.49 -21.67
CA VAL B 15 24.23 3.20 -20.94
C VAL B 15 23.59 2.27 -19.92
N VAL B 16 23.04 2.87 -18.88
CA VAL B 16 22.27 2.16 -17.88
C VAL B 16 20.81 2.60 -18.01
N VAL B 17 19.90 1.63 -18.15
CA VAL B 17 18.50 1.94 -18.35
C VAL B 17 17.66 1.48 -17.18
N GLU B 18 16.80 2.36 -16.68
CA GLU B 18 15.94 2.01 -15.56
C GLU B 18 14.50 2.00 -16.05
N LEU B 19 13.84 0.86 -15.96
CA LEU B 19 12.45 0.75 -16.37
C LEU B 19 11.55 0.94 -15.17
N LYS B 20 10.28 1.24 -15.42
CA LYS B 20 9.36 1.64 -14.37
C LYS B 20 9.20 0.56 -13.28
N ASN B 21 9.24 -0.69 -13.69
CA ASN B 21 8.97 -1.81 -12.79
C ASN B 21 10.11 -2.17 -11.84
N ASP B 22 11.03 -1.22 -11.66
CA ASP B 22 12.23 -1.39 -10.84
C ASP B 22 13.25 -2.40 -11.38
N ILE B 23 13.45 -2.35 -12.70
CA ILE B 23 14.37 -3.23 -13.43
C ILE B 23 15.49 -2.37 -14.00
N GLU B 24 16.74 -2.79 -13.83
CA GLU B 24 17.87 -1.96 -14.24
C GLU B 24 18.89 -2.75 -15.08
N ILE B 25 19.19 -2.22 -16.27
CA ILE B 25 19.94 -2.96 -17.26
C ILE B 25 21.04 -2.13 -17.94
N LYS B 26 22.29 -2.57 -17.80
CA LYS B 26 23.41 -1.91 -18.45
C LYS B 26 23.60 -2.50 -19.83
N GLY B 27 24.21 -1.76 -20.74
CA GLY B 27 24.43 -2.33 -22.04
C GLY B 27 24.84 -1.33 -23.09
N THR B 28 25.06 -1.84 -24.30
CA THR B 28 25.51 -1.01 -25.41
C THR B 28 24.33 -0.66 -26.30
N LEU B 29 24.07 0.63 -26.44
CA LEU B 29 22.98 1.08 -27.30
C LEU B 29 23.31 0.77 -28.76
N GLN B 30 22.51 -0.11 -29.34
CA GLN B 30 22.76 -0.56 -30.69
C GLN B 30 21.77 0.05 -31.68
N SER B 31 20.61 0.44 -31.17
CA SER B 31 19.56 0.93 -32.04
C SER B 31 18.60 1.82 -31.29
N VAL B 32 17.92 2.70 -32.02
CA VAL B 32 17.01 3.68 -31.45
C VAL B 32 15.86 3.95 -32.41
N ASP B 33 14.63 4.04 -31.91
CA ASP B 33 13.56 4.39 -32.84
C ASP B 33 12.70 5.60 -32.45
N GLN B 34 11.65 5.82 -33.25
CA GLN B 34 10.78 6.97 -33.10
C GLN B 34 10.01 7.00 -31.78
N PHE B 35 9.65 5.82 -31.29
CA PHE B 35 8.98 5.66 -29.97
C PHE B 35 9.99 5.76 -28.85
N LEU B 36 11.25 5.91 -29.24
CA LEU B 36 12.39 5.76 -28.35
C LEU B 36 12.51 4.37 -27.78
N ASN B 37 12.12 3.36 -28.58
CA ASN B 37 12.45 1.99 -28.21
C ASN B 37 13.95 1.85 -28.25
N LEU B 38 14.50 1.02 -27.37
CA LEU B 38 15.93 0.82 -27.38
C LEU B 38 16.29 -0.64 -27.65
N LYS B 39 17.42 -0.86 -28.29
CA LYS B 39 17.96 -2.21 -28.41
C LYS B 39 19.32 -2.22 -27.78
N LEU B 40 19.49 -3.07 -26.78
CA LEU B 40 20.82 -3.20 -26.20
C LEU B 40 21.55 -4.50 -26.61
N ASP B 41 22.86 -4.36 -26.79
CA ASP B 41 23.72 -5.52 -26.97
C ASP B 41 24.69 -5.60 -25.82
N ASN B 42 24.91 -6.83 -25.36
CA ASN B 42 25.80 -7.16 -24.27
C ASN B 42 25.24 -6.84 -22.90
N ILE B 43 23.97 -7.22 -22.72
CA ILE B 43 23.24 -7.10 -21.47
C ILE B 43 24.07 -7.51 -20.23
N SER B 44 23.89 -6.75 -19.15
CA SER B 44 24.72 -6.89 -17.95
C SER B 44 23.94 -6.42 -16.72
N SER B 45 24.40 -6.75 -15.51
CA SER B 45 23.65 -6.36 -14.32
C SER B 45 24.31 -5.25 -13.48
N THR B 46 23.73 -4.06 -13.53
CA THR B 46 24.19 -2.93 -12.72
C THR B 46 23.97 -3.11 -11.22
N ASP B 47 22.79 -3.60 -10.87
CA ASP B 47 22.42 -3.75 -9.47
C ASP B 47 22.07 -5.20 -9.15
N GLU B 48 22.32 -5.59 -7.91
CA GLU B 48 22.05 -6.94 -7.46
C GLU B 48 20.57 -7.31 -7.35
N LYS B 49 19.73 -6.42 -6.83
CA LYS B 49 18.38 -6.85 -6.50
C LYS B 49 17.32 -6.62 -7.58
N LYS B 50 17.37 -5.45 -8.22
CA LYS B 50 16.39 -5.08 -9.22
C LYS B 50 16.43 -6.01 -10.43
N TYR B 51 17.66 -6.38 -10.79
CA TYR B 51 17.96 -7.05 -12.05
C TYR B 51 17.06 -8.27 -12.24
N PRO B 52 16.40 -8.35 -13.40
CA PRO B 52 15.36 -9.36 -13.61
C PRO B 52 15.96 -10.73 -13.83
N HIS B 53 15.18 -11.61 -14.43
CA HIS B 53 15.49 -13.02 -14.47
C HIS B 53 16.03 -13.47 -15.82
N LEU B 54 17.32 -13.20 -16.06
CA LEU B 54 17.95 -13.50 -17.35
C LEU B 54 19.29 -14.24 -17.16
N GLY B 55 20.19 -14.10 -18.12
CA GLY B 55 21.50 -14.73 -18.02
C GLY B 55 22.23 -14.87 -19.33
N SER B 56 21.90 -15.94 -20.06
CA SER B 56 22.47 -16.20 -21.37
C SER B 56 22.15 -15.13 -22.43
N VAL B 57 20.95 -14.57 -22.38
CA VAL B 57 20.56 -13.59 -23.38
C VAL B 57 21.47 -12.36 -23.28
N ARG B 58 21.93 -11.87 -24.42
CA ARG B 58 22.83 -10.73 -24.45
C ARG B 58 22.23 -9.52 -25.18
N ASN B 59 21.11 -9.72 -25.85
CA ASN B 59 20.46 -8.63 -26.59
C ASN B 59 19.00 -8.47 -26.22
N ILE B 60 18.58 -7.24 -25.97
CA ILE B 60 17.17 -6.98 -25.62
C ILE B 60 16.55 -5.86 -26.42
N PHE B 61 15.27 -6.07 -26.72
CA PHE B 61 14.41 -5.01 -27.14
C PHE B 61 13.68 -4.46 -25.91
N ILE B 62 13.92 -3.20 -25.60
CA ILE B 62 13.17 -2.50 -24.56
C ILE B 62 12.14 -1.54 -25.19
N ARG B 63 10.87 -1.71 -24.80
CA ARG B 63 9.76 -0.82 -25.18
C ARG B 63 10.02 0.56 -24.60
N GLY B 64 9.88 1.63 -25.39
CA GLY B 64 10.12 2.98 -24.90
C GLY B 64 9.25 3.34 -23.68
N SER B 65 7.94 3.15 -23.86
CA SER B 65 6.97 3.43 -22.84
C SER B 65 7.28 2.87 -21.46
N THR B 66 8.18 1.91 -21.36
CA THR B 66 8.45 1.32 -20.05
C THR B 66 9.73 1.84 -19.38
N VAL B 67 10.44 2.75 -20.05
CA VAL B 67 11.62 3.34 -19.43
C VAL B 67 11.28 4.59 -18.60
N ARG B 68 11.88 4.67 -17.42
CA ARG B 68 11.82 5.87 -16.61
C ARG B 68 13.03 6.75 -16.93
N TYR B 69 14.23 6.24 -16.63
CA TYR B 69 15.48 6.98 -16.81
C TYR B 69 16.40 6.32 -17.82
N VAL B 70 17.22 7.13 -18.46
CA VAL B 70 18.37 6.64 -19.20
C VAL B 70 19.55 7.34 -18.55
N TYR B 71 20.56 6.58 -18.16
CA TYR B 71 21.72 7.17 -17.50
C TYR B 71 22.87 7.42 -18.47
N LEU B 72 23.39 8.64 -18.44
CA LEU B 72 24.38 9.11 -19.41
C LEU B 72 25.57 9.78 -18.74
N ASN B 73 26.69 9.86 -19.45
CA ASN B 73 27.90 10.49 -18.94
C ASN B 73 28.23 11.80 -19.65
N LYS B 74 28.48 12.84 -18.86
CA LYS B 74 28.75 14.18 -19.37
C LYS B 74 29.60 14.21 -20.64
N ASN B 75 30.38 13.16 -20.85
CA ASN B 75 31.25 13.04 -22.00
C ASN B 75 30.50 12.66 -23.27
N MET B 76 29.30 12.10 -23.11
CA MET B 76 28.60 11.49 -24.23
C MET B 76 27.77 12.47 -25.00
N VAL B 77 27.72 13.69 -24.49
CA VAL B 77 26.69 14.61 -24.91
C VAL B 77 27.18 16.04 -24.91
N ASP B 78 26.99 16.70 -26.05
CA ASP B 78 27.32 18.10 -26.18
C ASP B 78 26.15 18.88 -25.63
N THR B 79 26.37 19.67 -24.59
CA THR B 79 25.26 20.35 -23.93
C THR B 79 24.74 21.55 -24.70
N ASN B 80 25.65 22.32 -25.28
CA ASN B 80 25.28 23.53 -25.99
C ASN B 80 24.42 23.27 -27.22
N LEU B 81 24.82 22.26 -27.99
CA LEU B 81 24.03 21.74 -29.10
C LEU B 81 22.61 21.51 -28.65
N LEU B 82 22.48 20.69 -27.60
CA LEU B 82 21.21 20.32 -27.00
C LEU B 82 20.38 21.52 -26.68
N GLN B 83 21.02 22.48 -26.03
CA GLN B 83 20.31 23.64 -25.57
C GLN B 83 19.72 24.41 -26.75
N ASP B 84 20.56 24.75 -27.74
CA ASP B 84 20.07 25.55 -28.85
C ASP B 84 19.06 24.82 -29.74
N ALA B 85 19.19 23.51 -29.83
CA ALA B 85 18.21 22.69 -30.54
C ALA B 85 16.88 22.64 -29.80
N THR B 86 16.95 22.58 -28.47
CA THR B 86 15.72 22.60 -27.68
C THR B 86 15.03 23.96 -27.88
N ARG B 87 15.81 25.03 -27.82
CA ARG B 87 15.30 26.36 -28.15
C ARG B 87 14.65 26.36 -29.53
N ARG B 88 15.32 25.69 -30.47
CA ARG B 88 14.88 25.64 -31.85
C ARG B 88 13.47 25.08 -32.06
N GLU B 89 13.06 24.13 -31.23
CA GLU B 89 11.76 23.48 -31.43
C GLU B 89 10.54 24.39 -31.24
N VAL B 90 9.37 23.82 -31.52
CA VAL B 90 8.12 24.58 -31.50
C VAL B 90 6.99 23.73 -30.90
N THR C 3 2.70 27.75 -25.50
CA THR C 3 3.18 28.79 -24.58
C THR C 3 3.73 28.27 -23.23
N PRO C 4 3.07 27.28 -22.59
CA PRO C 4 3.68 26.80 -21.33
C PRO C 4 5.02 26.10 -21.59
N LEU C 5 5.16 25.52 -22.77
CA LEU C 5 6.37 24.83 -23.17
C LEU C 5 7.53 25.78 -23.57
N ASP C 6 7.20 27.05 -23.76
CA ASP C 6 8.21 28.05 -24.13
C ASP C 6 8.81 28.64 -22.85
N LEU C 7 7.93 28.94 -21.89
CA LEU C 7 8.34 29.42 -20.59
C LEU C 7 9.22 28.40 -19.86
N LEU C 8 9.44 27.26 -20.52
CA LEU C 8 10.33 26.21 -20.07
C LEU C 8 11.68 26.40 -20.75
N LYS C 9 11.65 26.84 -22.02
CA LYS C 9 12.86 27.23 -22.71
C LYS C 9 13.51 28.30 -21.86
N LEU C 10 12.66 29.10 -21.24
CA LEU C 10 13.09 30.20 -20.37
C LEU C 10 14.22 29.86 -19.37
N ASN C 11 14.19 28.65 -18.83
CA ASN C 11 15.11 28.25 -17.76
C ASN C 11 16.27 27.35 -18.20
N LEU C 12 16.52 27.25 -19.49
CA LEU C 12 17.54 26.34 -19.98
C LEU C 12 18.88 26.74 -19.39
N ASP C 13 19.64 25.76 -18.93
CA ASP C 13 20.91 26.00 -18.26
C ASP C 13 20.65 26.56 -16.87
N GLU C 14 19.40 26.45 -16.43
CA GLU C 14 18.98 26.96 -15.13
C GLU C 14 18.45 25.83 -14.28
N ARG C 15 18.87 25.79 -13.01
CA ARG C 15 18.54 24.68 -12.14
C ARG C 15 17.04 24.50 -12.13
N VAL C 16 16.61 23.26 -12.08
CA VAL C 16 15.20 22.96 -12.11
C VAL C 16 14.86 21.87 -11.13
N TYR C 17 13.58 21.85 -10.75
CA TYR C 17 13.01 20.95 -9.79
C TYR C 17 11.86 20.25 -10.48
N ILE C 18 11.88 18.92 -10.44
CA ILE C 18 10.96 18.10 -11.20
C ILE C 18 10.24 17.05 -10.35
N LYS C 19 8.91 17.04 -10.42
CA LYS C 19 8.14 16.01 -9.73
C LYS C 19 7.64 14.94 -10.69
N LEU C 20 7.85 13.68 -10.26
CA LEU C 20 7.49 12.50 -11.04
C LEU C 20 6.50 11.61 -10.30
N ARG C 21 5.69 10.86 -11.03
CA ARG C 21 4.79 9.89 -10.42
C ARG C 21 5.60 8.93 -9.59
N GLY C 22 5.01 8.47 -8.50
CA GLY C 22 5.68 7.57 -7.58
C GLY C 22 6.59 8.24 -6.56
N ALA C 23 6.20 9.45 -6.14
CA ALA C 23 6.85 10.15 -5.04
C ALA C 23 8.34 10.32 -5.23
N ARG C 24 8.77 10.49 -6.47
CA ARG C 24 10.17 10.79 -6.71
C ARG C 24 10.29 12.23 -7.18
N THR C 25 11.43 12.80 -6.83
CA THR C 25 11.69 14.18 -7.12
C THR C 25 13.11 14.29 -7.67
N LEU C 26 13.28 15.00 -8.77
CA LEU C 26 14.60 15.28 -9.30
C LEU C 26 14.95 16.76 -9.21
N VAL C 27 16.24 17.05 -9.03
CA VAL C 27 16.71 18.41 -9.17
C VAL C 27 17.97 18.30 -10.00
N GLY C 28 18.11 19.16 -11.01
CA GLY C 28 19.24 19.08 -11.94
C GLY C 28 19.28 20.30 -12.85
N THR C 29 20.27 20.38 -13.73
CA THR C 29 20.27 21.48 -14.70
C THR C 29 19.65 21.09 -16.04
N LEU C 30 18.66 21.87 -16.44
CA LEU C 30 17.92 21.59 -17.65
C LEU C 30 18.86 21.66 -18.81
N GLN C 31 18.89 20.57 -19.56
CA GLN C 31 19.67 20.54 -20.78
C GLN C 31 18.72 20.46 -21.92
N ALA C 32 17.69 19.63 -21.81
CA ALA C 32 16.74 19.51 -22.93
C ALA C 32 15.34 19.04 -22.55
N PHE C 33 14.37 19.45 -23.35
CA PHE C 33 13.00 19.02 -23.17
C PHE C 33 12.25 19.03 -24.49
N ASP C 34 11.17 18.28 -24.53
CA ASP C 34 10.34 18.14 -25.72
C ASP C 34 8.91 18.32 -25.29
N SER C 35 8.00 18.39 -26.26
CA SER C 35 6.61 18.68 -25.95
C SER C 35 6.14 17.61 -24.98
N HIS C 36 6.61 16.39 -25.16
CA HIS C 36 6.19 15.31 -24.30
C HIS C 36 6.72 15.61 -22.94
N SER C 37 7.48 16.70 -22.84
CA SER C 37 8.14 17.03 -21.61
C SER C 37 9.14 15.91 -21.23
N ASN C 38 9.62 15.19 -22.24
CA ASN C 38 10.82 14.38 -22.07
C ASN C 38 11.88 15.36 -21.57
N ILE C 39 12.85 14.87 -20.81
CA ILE C 39 13.92 15.72 -20.27
C ILE C 39 15.34 15.12 -20.21
N VAL C 40 16.32 15.94 -20.56
CA VAL C 40 17.69 15.65 -20.19
C VAL C 40 18.16 16.65 -19.14
N LEU C 41 18.73 16.12 -18.07
CA LEU C 41 19.27 16.89 -16.96
C LEU C 41 20.67 16.41 -16.63
N SER C 42 21.48 17.28 -16.02
CA SER C 42 22.84 16.94 -15.66
C SER C 42 23.13 17.34 -14.22
N ASP C 43 24.08 16.65 -13.59
CA ASP C 43 24.40 16.96 -12.21
C ASP C 43 23.15 16.88 -11.38
N ALA C 44 22.36 15.83 -11.61
CA ALA C 44 21.03 15.71 -11.02
C ALA C 44 20.94 14.68 -9.89
N VAL C 45 20.32 15.10 -8.80
CA VAL C 45 20.00 14.24 -7.67
C VAL C 45 18.48 13.90 -7.62
N GLU C 46 18.20 12.60 -7.46
CA GLU C 46 16.84 12.07 -7.32
C GLU C 46 16.61 11.62 -5.88
N THR C 47 15.42 11.92 -5.37
CA THR C 47 15.00 11.46 -4.06
C THR C 47 13.73 10.69 -4.22
N ILE C 48 13.74 9.48 -3.67
CA ILE C 48 12.57 8.62 -3.68
C ILE C 48 12.05 8.50 -2.25
N TYR C 49 10.76 8.77 -2.08
CA TYR C 49 10.15 8.60 -0.77
C TYR C 49 9.36 7.32 -0.83
N GLN C 50 9.74 6.36 0.00
CA GLN C 50 9.03 5.10 0.06
C GLN C 50 8.51 4.91 1.47
N LEU C 51 7.24 4.57 1.58
CA LEU C 51 6.70 4.24 2.89
C LEU C 51 6.75 2.72 3.01
N ASN C 52 7.73 2.24 3.75
CA ASN C 52 7.86 0.81 4.01
C ASN C 52 7.82 0.50 5.51
N ASN C 53 6.99 -0.47 5.89
CA ASN C 53 6.86 -0.84 7.28
C ASN C 53 6.12 0.21 8.11
N GLU C 54 5.36 1.06 7.42
CA GLU C 54 4.54 2.08 8.10
C GLU C 54 5.37 3.28 8.52
N GLU C 55 6.61 3.36 8.05
CA GLU C 55 7.48 4.47 8.38
C GLU C 55 8.06 5.05 7.09
N LEU C 56 8.42 6.32 7.12
CA LEU C 56 8.80 7.02 5.89
C LEU C 56 10.30 7.22 5.73
N SER C 57 10.85 6.71 4.64
CA SER C 57 12.27 6.95 4.36
C SER C 57 12.46 7.59 3.02
N GLU C 58 13.56 8.28 2.84
CA GLU C 58 13.88 8.77 1.53
C GLU C 58 15.26 8.31 1.13
N SER C 59 15.31 7.71 -0.05
CA SER C 59 16.53 7.29 -0.66
C SER C 59 16.99 8.34 -1.63
N GLU C 60 18.30 8.38 -1.91
CA GLU C 60 18.85 9.26 -2.93
C GLU C 60 19.62 8.52 -4.02
N ARG C 61 19.81 9.21 -5.14
CA ARG C 61 20.56 8.68 -6.26
C ARG C 61 21.17 9.83 -7.06
N ARG C 62 22.46 9.76 -7.34
CA ARG C 62 23.14 10.80 -8.11
C ARG C 62 23.54 10.32 -9.53
N SER C 63 23.67 11.29 -10.44
CA SER C 63 23.85 11.00 -11.85
C SER C 63 24.39 12.22 -12.63
N GLU C 64 25.48 12.06 -13.38
CA GLU C 64 26.01 13.22 -14.10
C GLU C 64 25.10 13.67 -15.25
N MET C 65 24.45 12.69 -15.88
CA MET C 65 23.60 12.95 -17.02
C MET C 65 22.46 11.95 -17.07
N VAL C 66 21.23 12.42 -17.11
CA VAL C 66 20.11 11.50 -17.22
C VAL C 66 19.04 12.03 -18.15
N PHE C 67 18.50 11.13 -18.96
CA PHE C 67 17.30 11.39 -19.77
C PHE C 67 16.11 10.91 -18.96
N ILE C 68 14.96 11.56 -19.14
CA ILE C 68 13.74 11.20 -18.38
C ILE C 68 12.54 11.14 -19.28
N ARG C 69 11.85 10.02 -19.30
CA ARG C 69 10.67 9.90 -20.13
C ARG C 69 9.55 10.78 -19.63
N GLY C 70 9.02 11.57 -20.54
CA GLY C 70 8.05 12.58 -20.21
C GLY C 70 6.79 12.11 -19.52
N ASP C 71 6.31 10.93 -19.86
CA ASP C 71 5.04 10.47 -19.30
C ASP C 71 5.03 10.29 -17.80
N THR C 72 6.15 10.35 -17.13
CA THR C 72 6.13 10.13 -15.70
C THR C 72 6.07 11.49 -14.99
N VAL C 73 6.37 12.53 -15.76
CA VAL C 73 6.51 13.87 -15.25
C VAL C 73 5.21 14.57 -14.84
N THR C 74 5.21 15.17 -13.65
CA THR C 74 4.04 15.85 -13.12
C THR C 74 4.28 17.35 -13.11
N LEU C 75 5.38 17.76 -12.50
CA LEU C 75 5.65 19.19 -12.33
C LEU C 75 7.07 19.58 -12.67
N ILE C 76 7.22 20.74 -13.30
CA ILE C 76 8.53 21.24 -13.69
C ILE C 76 8.73 22.69 -13.25
N SER C 77 9.49 22.89 -12.18
CA SER C 77 9.74 24.23 -11.66
C SER C 77 11.22 24.40 -11.30
N THR C 78 11.49 25.35 -10.41
CA THR C 78 12.86 25.62 -9.97
C THR C 78 12.99 25.49 -8.46
N PRO C 79 14.16 25.04 -8.01
CA PRO C 79 14.42 24.87 -6.58
C PRO C 79 14.71 26.19 -5.88
N VAL D 11 -15.74 26.23 -27.16
CA VAL D 11 -16.28 26.94 -26.01
C VAL D 11 -15.35 26.83 -24.82
N THR D 12 -14.48 25.82 -24.85
CA THR D 12 -13.53 25.62 -23.79
C THR D 12 -12.31 26.52 -23.99
N THR D 13 -11.93 26.72 -25.25
CA THR D 13 -10.83 27.62 -25.60
C THR D 13 -11.09 29.05 -25.13
N GLU D 14 -12.31 29.52 -25.38
CA GLU D 14 -12.73 30.85 -24.93
C GLU D 14 -12.49 30.95 -23.45
N PHE D 15 -12.83 29.88 -22.74
CA PHE D 15 -12.57 29.81 -21.32
C PHE D 15 -11.08 29.92 -21.01
N LEU D 16 -10.25 29.12 -21.68
CA LEU D 16 -8.81 29.14 -21.40
C LEU D 16 -8.24 30.55 -21.55
N SER D 17 -8.80 31.29 -22.48
CA SER D 17 -8.34 32.66 -22.72
C SER D 17 -9.04 33.67 -21.83
N ASP D 18 -10.14 33.27 -21.22
CA ASP D 18 -10.94 34.19 -20.42
C ASP D 18 -10.35 34.38 -19.05
N ILE D 19 -9.71 33.33 -18.53
CA ILE D 19 -9.32 33.31 -17.14
C ILE D 19 -7.83 33.50 -16.93
N ILE D 20 -7.05 33.56 -18.03
CA ILE D 20 -5.62 33.78 -17.91
C ILE D 20 -5.35 35.05 -17.12
N GLY D 21 -4.43 34.97 -16.17
CA GLY D 21 -4.18 36.07 -15.28
C GLY D 21 -5.13 36.13 -14.09
N LYS D 22 -6.19 35.32 -14.09
CA LYS D 22 -7.00 35.19 -12.88
C LYS D 22 -6.38 34.13 -11.98
N THR D 23 -6.80 34.12 -10.72
CA THR D 23 -6.31 33.13 -9.77
C THR D 23 -7.08 31.82 -9.92
N VAL D 24 -6.34 30.72 -10.11
CA VAL D 24 -6.97 29.41 -10.27
C VAL D 24 -6.37 28.31 -9.41
N ASN D 25 -7.23 27.36 -9.07
CA ASN D 25 -6.86 26.05 -8.55
C ASN D 25 -6.72 25.06 -9.69
N VAL D 26 -5.59 24.38 -9.76
CA VAL D 26 -5.47 23.31 -10.73
C VAL D 26 -5.34 22.01 -9.97
N LYS D 27 -6.23 21.06 -10.23
CA LYS D 27 -6.14 19.76 -9.55
C LYS D 27 -5.64 18.63 -10.48
N LEU D 28 -4.68 17.87 -9.96
CA LEU D 28 -4.04 16.76 -10.71
C LEU D 28 -4.70 15.44 -10.43
N ALA D 29 -4.36 14.45 -11.24
CA ALA D 29 -4.96 13.12 -11.10
C ALA D 29 -4.77 12.51 -9.71
N SER D 30 -3.73 12.99 -9.02
CA SER D 30 -3.33 12.40 -7.76
C SER D 30 -4.03 13.00 -6.56
N GLY D 31 -4.65 14.17 -6.77
CA GLY D 31 -5.42 14.81 -5.72
C GLY D 31 -4.77 16.10 -5.23
N LEU D 32 -3.49 16.22 -5.55
CA LEU D 32 -2.76 17.44 -5.35
C LEU D 32 -3.38 18.60 -6.12
N LEU D 33 -3.28 19.76 -5.49
CA LEU D 33 -3.95 20.94 -5.97
C LEU D 33 -2.94 22.09 -5.94
N TYR D 34 -3.01 22.97 -6.94
CA TYR D 34 -2.04 24.04 -7.07
C TYR D 34 -2.77 25.35 -7.24
N SER D 35 -2.66 26.22 -6.25
CA SER D 35 -3.27 27.54 -6.33
C SER D 35 -2.26 28.51 -6.86
N GLY D 36 -2.59 29.19 -7.95
CA GLY D 36 -1.72 30.24 -8.46
C GLY D 36 -2.33 31.13 -9.51
N ARG D 37 -1.51 31.94 -10.17
CA ARG D 37 -1.98 32.81 -11.25
C ARG D 37 -1.72 32.16 -12.61
N LEU D 38 -2.74 32.11 -13.45
CA LEU D 38 -2.64 31.44 -14.75
C LEU D 38 -1.83 32.20 -15.80
N GLU D 39 -0.56 31.83 -15.97
CA GLU D 39 0.27 32.45 -17.01
C GLU D 39 -0.08 32.06 -18.46
N SER D 40 -0.23 30.75 -18.74
CA SER D 40 -0.81 30.28 -20.02
C SER D 40 -1.28 28.83 -20.00
N ILE D 41 -1.68 28.33 -21.16
CA ILE D 41 -2.27 27.00 -21.29
C ILE D 41 -2.46 26.57 -22.76
N ASP D 42 -2.03 25.36 -23.11
CA ASP D 42 -2.13 24.90 -24.50
C ASP D 42 -3.16 23.81 -24.77
N GLY D 43 -3.19 23.33 -26.01
CA GLY D 43 -4.22 22.39 -26.44
C GLY D 43 -4.12 21.04 -25.75
N PHE D 44 -2.99 20.82 -25.09
CA PHE D 44 -2.72 19.53 -24.50
C PHE D 44 -2.95 19.57 -22.98
N MET D 45 -3.56 20.67 -22.54
CA MET D 45 -3.86 20.96 -21.14
C MET D 45 -2.64 21.31 -20.31
N ASN D 46 -1.53 21.61 -20.96
CA ASN D 46 -0.39 22.07 -20.18
C ASN D 46 -0.72 23.43 -19.59
N VAL D 47 -0.23 23.66 -18.37
CA VAL D 47 -0.53 24.87 -17.64
C VAL D 47 0.74 25.58 -17.14
N ALA D 48 0.73 26.92 -17.20
CA ALA D 48 1.73 27.72 -16.47
C ALA D 48 1.02 28.40 -15.32
N LEU D 49 1.65 28.40 -14.15
CA LEU D 49 1.08 29.08 -12.98
C LEU D 49 2.16 29.90 -12.33
N SER D 50 1.81 31.07 -11.81
CA SER D 50 2.78 31.87 -11.06
C SER D 50 2.33 32.07 -9.62
N SER D 51 3.30 32.24 -8.73
CA SER D 51 3.06 32.34 -7.29
C SER D 51 2.21 31.16 -6.77
N ALA D 52 2.58 29.94 -7.16
CA ALA D 52 1.80 28.73 -6.83
C ALA D 52 2.15 28.05 -5.52
N THR D 53 1.12 27.69 -4.77
CA THR D 53 1.28 26.90 -3.56
C THR D 53 0.64 25.56 -3.84
N GLU D 54 1.21 24.49 -3.28
CA GLU D 54 0.63 23.15 -3.42
C GLU D 54 -0.02 22.69 -2.12
N HIS D 55 -1.24 22.20 -2.26
CA HIS D 55 -1.95 21.55 -1.18
C HIS D 55 -2.39 20.14 -1.59
N TYR D 56 -2.79 19.33 -0.61
CA TYR D 56 -3.45 18.07 -0.93
C TYR D 56 -4.95 18.26 -0.77
N GLU D 57 -5.68 18.03 -1.87
CA GLU D 57 -7.15 18.09 -1.90
C GLU D 57 -7.82 19.45 -1.65
N SER D 58 -7.57 20.05 -0.49
CA SER D 58 -8.12 21.37 -0.21
C SER D 58 -7.06 22.43 0.05
N ASN D 59 -7.34 23.64 -0.42
CA ASN D 59 -6.60 24.82 0.01
C ASN D 59 -6.56 25.02 1.51
N ASN D 60 -7.56 24.49 2.22
CA ASN D 60 -7.60 24.61 3.68
C ASN D 60 -6.63 23.71 4.39
N ASN D 61 -6.08 22.73 3.66
CA ASN D 61 -5.20 21.75 4.26
C ASN D 61 -3.79 22.25 4.39
N LYS D 62 -2.90 21.43 4.93
CA LYS D 62 -1.54 21.89 5.13
C LYS D 62 -0.83 22.20 3.82
N LEU D 63 -0.24 23.39 3.80
CA LEU D 63 0.59 23.84 2.70
C LEU D 63 1.86 23.02 2.59
N LEU D 64 2.08 22.46 1.41
CA LEU D 64 3.15 21.50 1.21
C LEU D 64 4.36 22.12 0.52
N ASN D 65 4.12 23.05 -0.40
CA ASN D 65 5.19 23.81 -1.02
C ASN D 65 4.70 25.18 -1.43
N LYS D 66 5.61 26.15 -1.45
CA LYS D 66 5.38 27.42 -2.10
C LYS D 66 6.45 27.65 -3.16
N PHE D 67 6.06 27.71 -4.43
CA PHE D 67 7.03 27.96 -5.49
C PHE D 67 7.08 29.44 -5.86
N ASN D 68 8.18 30.11 -5.53
CA ASN D 68 8.37 31.48 -5.99
C ASN D 68 8.47 31.54 -7.51
N SER D 69 9.17 30.56 -8.07
CA SER D 69 9.33 30.44 -9.51
C SER D 69 8.05 29.95 -10.18
N ASP D 70 7.91 30.23 -11.47
CA ASP D 70 6.75 29.80 -12.23
C ASP D 70 6.67 28.28 -12.29
N VAL D 71 5.47 27.74 -12.26
CA VAL D 71 5.26 26.29 -12.17
C VAL D 71 4.59 25.72 -13.41
N PHE D 72 5.13 24.60 -13.91
CA PHE D 72 4.59 23.93 -15.08
C PHE D 72 3.91 22.63 -14.68
N LEU D 73 2.66 22.49 -15.11
CA LEU D 73 1.83 21.34 -14.76
C LEU D 73 1.50 20.53 -16.00
N ARG D 74 1.94 19.28 -16.02
CA ARG D 74 1.81 18.46 -17.22
C ARG D 74 0.34 18.15 -17.53
N GLY D 75 -0.05 18.43 -18.76
CA GLY D 75 -1.46 18.45 -19.10
C GLY D 75 -2.18 17.13 -19.01
N THR D 76 -1.43 16.04 -19.00
CA THR D 76 -2.04 14.72 -18.97
C THR D 76 -2.56 14.52 -17.58
N GLN D 77 -1.89 15.13 -16.61
CA GLN D 77 -2.22 14.92 -15.19
C GLN D 77 -3.38 15.80 -14.70
N VAL D 78 -3.73 16.83 -15.45
CA VAL D 78 -4.74 17.71 -14.90
C VAL D 78 -6.15 17.20 -15.04
N MET D 79 -6.83 17.28 -13.89
CA MET D 79 -8.22 16.90 -13.73
C MET D 79 -9.07 18.15 -13.91
N TYR D 80 -8.66 19.26 -13.29
CA TYR D 80 -9.37 20.49 -13.60
C TYR D 80 -8.61 21.76 -13.36
N ILE D 81 -9.15 22.80 -13.96
CA ILE D 81 -8.69 24.17 -13.77
C ILE D 81 -9.89 25.06 -13.41
N SER D 82 -9.85 25.60 -12.20
CA SER D 82 -11.03 26.21 -11.60
C SER D 82 -10.68 27.58 -11.04
N GLU D 83 -11.58 28.55 -11.14
CA GLU D 83 -11.31 29.85 -10.54
C GLU D 83 -11.93 29.97 -9.15
N GLN D 84 -11.53 31.00 -8.41
CA GLN D 84 -12.12 31.32 -7.11
C GLN D 84 -12.82 32.67 -7.13
N PRO E 4 -33.97 8.82 -36.41
CA PRO E 4 -34.61 8.43 -35.16
C PRO E 4 -33.63 8.27 -33.99
N GLU E 5 -32.37 8.04 -34.29
CA GLU E 5 -31.39 7.78 -33.23
C GLU E 5 -31.13 9.01 -32.36
N ILE E 6 -31.00 8.80 -31.06
CA ILE E 6 -30.65 9.89 -30.16
C ILE E 6 -29.14 9.97 -29.97
N LEU E 7 -28.52 11.02 -30.50
CA LEU E 7 -27.11 11.22 -30.30
C LEU E 7 -26.81 11.76 -28.90
N PRO E 8 -25.86 11.12 -28.21
CA PRO E 8 -25.34 11.52 -26.89
C PRO E 8 -24.87 12.98 -26.78
N LEU E 9 -24.26 13.53 -27.82
CA LEU E 9 -23.77 14.90 -27.72
C LEU E 9 -24.96 15.85 -27.68
N GLU E 10 -26.05 15.44 -28.32
CA GLU E 10 -27.29 16.17 -28.33
C GLU E 10 -27.89 16.12 -26.95
N VAL E 11 -27.68 15.02 -26.23
CA VAL E 11 -28.18 14.90 -24.87
C VAL E 11 -27.40 15.81 -23.94
N ILE E 12 -26.10 15.90 -24.13
CA ILE E 12 -25.31 16.85 -23.36
C ILE E 12 -25.66 18.31 -23.70
N ASP E 13 -25.96 18.55 -24.96
CA ASP E 13 -26.24 19.91 -25.42
C ASP E 13 -27.45 20.51 -24.69
N LYS E 14 -28.50 19.71 -24.51
CA LYS E 14 -29.74 20.20 -23.95
C LYS E 14 -29.66 20.37 -22.42
N THR E 15 -28.76 19.64 -21.77
CA THR E 15 -28.55 19.83 -20.34
C THR E 15 -27.67 21.05 -20.02
N ILE E 16 -27.19 21.73 -21.04
CA ILE E 16 -26.51 23.02 -20.86
C ILE E 16 -27.46 23.98 -20.12
N ASN E 17 -26.89 24.73 -19.17
CA ASN E 17 -27.67 25.63 -18.31
C ASN E 17 -28.51 24.90 -17.26
N GLN E 18 -28.40 23.58 -17.21
CA GLN E 18 -29.09 22.83 -16.19
C GLN E 18 -28.11 22.42 -15.11
N LYS E 19 -28.60 21.73 -14.08
CA LYS E 19 -27.71 21.09 -13.13
C LYS E 19 -27.27 19.73 -13.66
N VAL E 20 -25.99 19.42 -13.47
CA VAL E 20 -25.44 18.14 -13.88
C VAL E 20 -24.51 17.56 -12.84
N LEU E 21 -24.50 16.24 -12.82
CA LEU E 21 -23.59 15.44 -12.06
C LEU E 21 -22.60 14.87 -13.06
N ILE E 22 -21.31 15.05 -12.80
CA ILE E 22 -20.27 14.46 -13.63
C ILE E 22 -19.43 13.47 -12.84
N VAL E 23 -19.42 12.23 -13.31
CA VAL E 23 -18.88 11.10 -12.56
C VAL E 23 -17.60 10.63 -13.19
N LEU E 24 -16.48 10.88 -12.51
CA LEU E 24 -15.18 10.50 -13.03
C LEU E 24 -15.01 8.99 -13.09
N GLN E 25 -13.93 8.51 -13.70
CA GLN E 25 -13.72 7.08 -13.71
C GLN E 25 -13.23 6.65 -12.35
N SER E 26 -12.85 7.62 -11.52
CA SER E 26 -12.42 7.38 -10.16
C SER E 26 -13.57 7.50 -9.18
N ASN E 27 -13.27 7.69 -7.90
CA ASN E 27 -14.35 7.82 -6.95
C ASN E 27 -14.75 9.27 -6.68
N ARG E 28 -14.56 10.12 -7.69
CA ARG E 28 -14.86 11.53 -7.58
C ARG E 28 -16.09 11.94 -8.40
N GLU E 29 -16.75 13.00 -7.98
CA GLU E 29 -17.99 13.46 -8.63
C GLU E 29 -18.12 14.96 -8.51
N PHE E 30 -18.73 15.60 -9.49
CA PHE E 30 -18.89 17.05 -9.44
C PHE E 30 -20.29 17.40 -9.80
N GLU E 31 -20.97 18.20 -9.00
CA GLU E 31 -22.26 18.70 -9.46
C GLU E 31 -22.30 20.21 -9.51
N GLY E 32 -22.71 20.72 -10.66
CA GLY E 32 -22.84 22.18 -10.82
C GLY E 32 -23.63 22.47 -12.08
N THR E 33 -23.72 23.73 -12.47
CA THR E 33 -24.46 24.04 -13.68
C THR E 33 -23.59 23.81 -14.88
N LEU E 34 -24.11 23.05 -15.84
CA LEU E 34 -23.40 22.79 -17.09
C LEU E 34 -23.41 24.04 -17.97
N VAL E 35 -22.26 24.69 -18.09
CA VAL E 35 -22.18 25.87 -18.91
C VAL E 35 -21.89 25.55 -20.39
N GLY E 36 -20.99 24.59 -20.64
CA GLY E 36 -20.64 24.16 -22.00
C GLY E 36 -19.74 22.93 -22.12
N PHE E 37 -19.54 22.45 -23.34
CA PHE E 37 -18.70 21.28 -23.59
C PHE E 37 -18.12 21.30 -25.01
N ASP E 38 -17.04 20.56 -25.24
CA ASP E 38 -16.50 20.45 -26.59
C ASP E 38 -16.66 19.04 -27.14
N ASP E 39 -16.05 18.77 -28.29
CA ASP E 39 -16.14 17.46 -28.92
C ASP E 39 -15.43 16.37 -28.12
N PHE E 40 -14.37 16.74 -27.43
CA PHE E 40 -13.61 15.81 -26.59
C PHE E 40 -14.31 15.59 -25.24
N VAL E 41 -15.43 16.29 -25.06
CA VAL E 41 -16.24 16.26 -23.84
C VAL E 41 -15.48 16.75 -22.61
N ASN E 42 -14.56 17.70 -22.86
CA ASN E 42 -14.12 18.57 -21.79
C ASN E 42 -15.35 19.34 -21.37
N VAL E 43 -15.37 19.85 -20.15
CA VAL E 43 -16.63 20.33 -19.64
C VAL E 43 -16.45 21.57 -18.77
N ILE E 44 -17.30 22.58 -18.99
CA ILE E 44 -17.31 23.77 -18.14
C ILE E 44 -18.44 23.70 -17.11
N LEU E 45 -18.09 23.66 -15.83
CA LEU E 45 -19.08 23.65 -14.76
C LEU E 45 -19.11 24.97 -14.02
N GLU E 46 -20.26 25.31 -13.46
CA GLU E 46 -20.34 26.52 -12.66
C GLU E 46 -20.78 26.26 -11.23
N ASP E 47 -20.05 26.82 -10.27
CA ASP E 47 -20.29 26.62 -8.85
C ASP E 47 -20.43 25.16 -8.52
N ALA E 48 -19.34 24.43 -8.66
CA ALA E 48 -19.40 22.98 -8.63
C ALA E 48 -19.04 22.43 -7.27
N VAL E 49 -19.86 21.52 -6.79
CA VAL E 49 -19.55 20.78 -5.58
C VAL E 49 -18.65 19.64 -5.99
N GLU E 50 -17.58 19.44 -5.24
CA GLU E 50 -16.67 18.33 -5.53
C GLU E 50 -16.82 17.25 -4.45
N TRP E 51 -17.05 16.00 -4.85
CA TRP E 51 -17.22 14.89 -3.90
C TRP E 51 -16.27 13.71 -4.10
N LEU E 52 -15.84 13.13 -2.99
CA LEU E 52 -15.28 11.77 -2.97
C LEU E 52 -16.33 10.83 -2.40
N ILE E 53 -16.57 9.70 -3.07
CA ILE E 53 -17.66 8.78 -2.75
C ILE E 53 -17.18 7.51 -2.02
N ASP E 54 -18.10 6.87 -1.28
CA ASP E 54 -17.96 5.51 -0.72
C ASP E 54 -16.92 5.37 0.40
N ASN E 61 -20.12 9.69 2.12
CA ASN E 61 -19.40 10.51 1.16
C ASN E 61 -18.47 11.53 1.81
N GLU E 62 -17.99 12.49 1.02
CA GLU E 62 -17.13 13.57 1.50
C GLU E 62 -17.10 14.74 0.52
N LYS E 63 -17.73 15.83 0.95
CA LYS E 63 -17.69 17.08 0.22
C LYS E 63 -16.29 17.66 0.38
N VAL E 64 -15.57 17.68 -0.73
CA VAL E 64 -14.20 18.11 -0.80
C VAL E 64 -14.11 19.62 -0.91
N MET E 65 -14.83 20.20 -1.88
CA MET E 65 -14.74 21.65 -2.11
C MET E 65 -16.01 22.27 -2.68
N GLN E 66 -16.24 23.53 -2.32
CA GLN E 66 -17.25 24.34 -2.99
C GLN E 66 -16.54 25.27 -3.94
N HIS E 67 -16.73 25.06 -5.23
CA HIS E 67 -16.09 25.93 -6.20
C HIS E 67 -17.00 27.11 -6.52
N HIS E 68 -16.37 28.24 -6.77
CA HIS E 68 -17.11 29.45 -7.09
C HIS E 68 -16.55 30.02 -8.36
N GLY E 69 -17.35 30.05 -9.41
CA GLY E 69 -16.93 30.60 -10.68
C GLY E 69 -17.05 29.59 -11.79
N ARG E 70 -15.97 29.40 -12.53
CA ARG E 70 -16.01 28.44 -13.60
C ARG E 70 -14.87 27.42 -13.51
N MET E 71 -15.25 26.15 -13.66
CA MET E 71 -14.31 25.04 -13.68
C MET E 71 -14.26 24.44 -15.07
N LEU E 72 -13.06 24.35 -15.66
CA LEU E 72 -12.86 23.43 -16.78
C LEU E 72 -12.53 22.03 -16.25
N LEU E 73 -13.40 21.08 -16.53
CA LEU E 73 -13.15 19.70 -16.13
C LEU E 73 -12.69 18.87 -17.32
N SER E 74 -11.45 18.39 -17.24
CA SER E 74 -10.83 17.60 -18.28
C SER E 74 -11.63 16.35 -18.68
N GLY E 75 -12.04 16.29 -19.95
CA GLY E 75 -12.92 15.23 -20.40
C GLY E 75 -12.31 13.84 -20.30
N ASN E 76 -10.98 13.85 -20.26
CA ASN E 76 -10.16 12.67 -20.11
C ASN E 76 -10.62 11.66 -19.08
N ASN E 77 -10.89 12.11 -17.86
CA ASN E 77 -11.26 11.20 -16.79
C ASN E 77 -12.75 11.10 -16.53
N ILE E 78 -13.56 11.66 -17.42
CA ILE E 78 -15.01 11.59 -17.27
C ILE E 78 -15.52 10.24 -17.75
N ALA E 79 -16.40 9.64 -16.94
CA ALA E 79 -17.00 8.35 -17.25
C ALA E 79 -18.50 8.48 -17.54
N ILE E 80 -19.24 9.13 -16.64
CA ILE E 80 -20.70 9.26 -16.77
C ILE E 80 -21.18 10.70 -16.65
N LEU E 81 -22.10 11.11 -17.50
CA LEU E 81 -22.80 12.37 -17.30
C LEU E 81 -24.27 12.19 -16.94
N VAL E 82 -24.73 12.92 -15.92
CA VAL E 82 -26.09 12.81 -15.40
C VAL E 82 -26.81 14.15 -15.25
N PRO E 83 -27.67 14.51 -16.22
CA PRO E 83 -28.57 15.66 -16.10
C PRO E 83 -29.41 15.62 -14.82
N GLY E 84 -29.58 16.76 -14.12
CA GLY E 84 -30.10 16.74 -12.77
C GLY E 84 -29.01 16.62 -11.68
N ALA F 26 -18.58 0.38 -38.01
CA ALA F 26 -18.33 -0.24 -36.71
C ALA F 26 -18.62 -1.74 -36.75
N ILE F 27 -18.00 -2.48 -35.83
CA ILE F 27 -18.11 -3.93 -35.80
C ILE F 27 -19.30 -4.44 -35.00
N LEU F 28 -19.81 -3.59 -34.11
CA LEU F 28 -20.97 -3.94 -33.32
C LEU F 28 -22.17 -3.10 -33.77
N ASP F 29 -23.22 -3.76 -34.23
CA ASP F 29 -24.43 -3.04 -34.62
C ASP F 29 -25.34 -2.78 -33.41
N LEU F 30 -25.17 -1.62 -32.80
CA LEU F 30 -25.90 -1.22 -31.60
C LEU F 30 -27.40 -1.03 -31.82
N ALA F 31 -27.81 -1.06 -33.09
CA ALA F 31 -29.19 -0.80 -33.48
C ALA F 31 -30.16 -1.81 -32.88
N LYS F 32 -29.73 -3.07 -32.81
CA LYS F 32 -30.54 -4.14 -32.23
C LYS F 32 -30.83 -3.92 -30.75
N TYR F 33 -29.80 -3.46 -30.05
CA TYR F 33 -29.82 -3.28 -28.61
C TYR F 33 -30.81 -2.23 -28.10
N LYS F 34 -31.05 -1.21 -28.92
CA LYS F 34 -31.83 -0.06 -28.48
C LYS F 34 -33.21 -0.51 -28.05
N ASP F 35 -33.67 0.05 -26.93
CA ASP F 35 -34.90 -0.40 -26.31
C ASP F 35 -34.65 -1.75 -25.65
N SER F 36 -33.38 -2.07 -25.46
CA SER F 36 -32.99 -3.33 -24.83
C SER F 36 -32.10 -3.02 -23.63
N LYS F 37 -32.10 -3.91 -22.65
CA LYS F 37 -31.32 -3.66 -21.44
C LYS F 37 -29.91 -4.21 -21.57
N ILE F 38 -28.92 -3.33 -21.42
CA ILE F 38 -27.53 -3.68 -21.61
C ILE F 38 -26.68 -3.51 -20.34
N ARG F 39 -25.58 -4.25 -20.33
CA ARG F 39 -24.63 -4.29 -19.23
C ARG F 39 -23.22 -3.86 -19.67
N VAL F 40 -22.80 -2.69 -19.20
CA VAL F 40 -21.55 -2.08 -19.63
C VAL F 40 -20.55 -1.99 -18.50
N LYS F 41 -19.38 -2.56 -18.73
CA LYS F 41 -18.25 -2.37 -17.83
C LYS F 41 -17.45 -1.16 -18.29
N LEU F 42 -16.99 -0.39 -17.32
CA LEU F 42 -16.26 0.85 -17.54
C LEU F 42 -14.85 0.78 -17.01
N MET F 43 -13.92 1.45 -17.67
CA MET F 43 -12.58 1.47 -17.13
C MET F 43 -12.56 2.12 -15.76
N GLY F 44 -12.02 1.40 -14.78
CA GLY F 44 -11.91 1.91 -13.44
C GLY F 44 -12.77 1.13 -12.46
N GLY F 45 -13.36 0.02 -12.93
CA GLY F 45 -14.08 -0.88 -12.06
C GLY F 45 -15.53 -0.54 -11.80
N LYS F 46 -16.17 0.04 -12.81
CA LYS F 46 -17.56 0.43 -12.70
C LYS F 46 -18.47 -0.46 -13.52
N LEU F 47 -19.61 -0.83 -12.96
CA LEU F 47 -20.59 -1.51 -13.77
C LEU F 47 -21.78 -0.61 -13.95
N VAL F 48 -22.37 -0.63 -15.14
CA VAL F 48 -23.60 0.11 -15.35
C VAL F 48 -24.57 -0.81 -16.07
N ILE F 49 -25.83 -0.83 -15.63
CA ILE F 49 -26.90 -1.50 -16.36
C ILE F 49 -28.01 -0.52 -16.69
N GLY F 50 -28.42 -0.52 -17.96
CA GLY F 50 -29.41 0.47 -18.37
C GLY F 50 -30.13 0.09 -19.63
N VAL F 51 -31.02 0.97 -20.09
CA VAL F 51 -31.77 0.72 -21.31
C VAL F 51 -31.23 1.58 -22.43
N LEU F 52 -30.76 0.93 -23.50
CA LEU F 52 -30.06 1.65 -24.56
C LEU F 52 -30.97 2.54 -25.37
N LYS F 53 -30.81 3.84 -25.18
CA LYS F 53 -31.72 4.83 -25.75
C LYS F 53 -31.10 5.48 -26.96
N GLY F 54 -29.77 5.62 -26.91
CA GLY F 54 -29.02 6.27 -27.96
C GLY F 54 -27.55 5.92 -27.89
N TYR F 55 -26.84 6.12 -29.01
CA TYR F 55 -25.42 5.81 -29.11
C TYR F 55 -24.77 6.63 -30.23
N ASP F 56 -23.44 6.63 -30.30
CA ASP F 56 -22.78 7.23 -31.46
C ASP F 56 -21.67 6.36 -32.06
N GLN F 57 -21.00 6.89 -33.09
CA GLN F 57 -19.94 6.15 -33.78
C GLN F 57 -18.70 6.00 -32.90
N LEU F 58 -18.54 6.91 -31.96
CA LEU F 58 -17.45 6.90 -31.01
C LEU F 58 -17.72 5.98 -29.85
N MET F 59 -18.92 5.40 -29.84
CA MET F 59 -19.37 4.48 -28.80
C MET F 59 -19.80 5.16 -27.50
N ASN F 60 -19.94 6.47 -27.49
CA ASN F 60 -20.71 7.11 -26.42
C ASN F 60 -22.14 6.56 -26.42
N LEU F 61 -22.70 6.35 -25.24
CA LEU F 61 -24.09 5.87 -25.11
C LEU F 61 -25.01 6.78 -24.30
N VAL F 62 -26.29 6.61 -24.57
CA VAL F 62 -27.35 7.21 -23.76
C VAL F 62 -28.13 6.08 -23.10
N LEU F 63 -28.08 5.99 -21.77
CA LEU F 63 -28.76 4.90 -21.08
C LEU F 63 -29.94 5.39 -20.27
N ASP F 64 -30.94 4.52 -20.11
CA ASP F 64 -32.12 4.88 -19.34
C ASP F 64 -32.29 3.93 -18.16
N ASP F 65 -32.79 4.46 -17.05
CA ASP F 65 -32.96 3.70 -15.82
C ASP F 65 -31.64 3.13 -15.34
N THR F 66 -30.64 4.02 -15.31
CA THR F 66 -29.26 3.64 -15.12
C THR F 66 -29.01 3.23 -13.68
N VAL F 67 -28.54 2.02 -13.49
CA VAL F 67 -28.07 1.64 -12.17
C VAL F 67 -26.60 1.28 -12.20
N GLU F 68 -25.84 1.98 -11.37
CA GLU F 68 -24.40 1.82 -11.33
C GLU F 68 -24.00 0.94 -10.15
N TYR F 69 -23.43 -0.22 -10.47
CA TYR F 69 -22.88 -1.11 -9.44
C TYR F 69 -21.41 -0.81 -9.25
N MET F 70 -21.07 -0.42 -8.03
CA MET F 70 -19.77 0.14 -7.75
C MET F 70 -18.91 -0.82 -6.94
N ASN F 85 -22.85 -1.44 -3.76
CA ASN F 85 -23.39 -2.46 -4.65
C ASN F 85 -24.55 -1.95 -5.49
N ALA F 86 -25.27 -0.97 -4.96
CA ALA F 86 -26.37 -0.36 -5.71
C ALA F 86 -26.27 1.15 -5.75
N ARG F 87 -26.29 1.70 -6.96
CA ARG F 87 -26.36 3.15 -7.15
C ARG F 87 -27.29 3.48 -8.31
N LYS F 88 -28.33 4.28 -8.06
CA LYS F 88 -29.30 4.55 -9.10
C LYS F 88 -29.17 5.97 -9.63
N LEU F 89 -28.97 6.06 -10.94
CA LEU F 89 -29.03 7.35 -11.62
C LEU F 89 -30.17 7.18 -12.62
N GLY F 90 -30.37 8.14 -13.52
CA GLY F 90 -31.51 7.99 -14.42
C GLY F 90 -31.16 7.85 -15.88
N LEU F 91 -31.38 8.93 -16.60
CA LEU F 91 -31.01 9.01 -17.99
C LEU F 91 -29.57 9.53 -18.01
N THR F 92 -28.63 8.63 -18.27
CA THR F 92 -27.21 9.02 -18.26
C THR F 92 -26.54 9.01 -19.63
N VAL F 93 -25.40 9.66 -19.71
CA VAL F 93 -24.56 9.50 -20.88
C VAL F 93 -23.24 8.91 -20.45
N ILE F 94 -22.83 7.90 -21.19
CA ILE F 94 -21.63 7.14 -20.90
C ILE F 94 -20.57 7.43 -21.96
N ARG F 95 -19.38 7.83 -21.52
CA ARG F 95 -18.29 8.18 -22.44
C ARG F 95 -17.72 6.94 -23.12
N GLY F 96 -17.81 6.89 -24.45
CA GLY F 96 -17.38 5.73 -25.20
C GLY F 96 -15.92 5.37 -25.01
N THR F 97 -15.12 6.36 -24.69
CA THR F 97 -13.67 6.18 -24.61
C THR F 97 -13.26 5.37 -23.39
N ILE F 98 -14.15 5.25 -22.41
CA ILE F 98 -13.85 4.43 -21.23
C ILE F 98 -14.76 3.21 -21.23
N LEU F 99 -15.54 3.08 -22.29
CA LEU F 99 -16.39 1.92 -22.46
C LEU F 99 -15.52 0.70 -22.75
N VAL F 100 -15.45 -0.15 -21.74
CA VAL F 100 -14.53 -1.27 -21.71
C VAL F 100 -15.19 -2.60 -22.15
N SER F 101 -16.46 -2.82 -21.79
CA SER F 101 -17.15 -4.01 -22.29
C SER F 101 -18.67 -3.84 -22.31
N LEU F 102 -19.36 -4.62 -23.14
CA LEU F 102 -20.80 -4.44 -23.31
C LEU F 102 -21.51 -5.74 -23.65
N SER F 103 -22.38 -6.20 -22.75
CA SER F 103 -23.20 -7.36 -23.05
C SER F 103 -24.66 -7.01 -22.94
N SER F 104 -25.54 -7.97 -23.17
CA SER F 104 -26.96 -7.69 -23.02
C SER F 104 -27.38 -7.87 -21.56
N ALA F 105 -28.69 -7.97 -21.32
CA ALA F 105 -29.22 -8.23 -19.99
C ALA F 105 -30.64 -8.78 -20.06
N MET G 1 3.04 -13.96 -39.38
CA MET G 1 2.07 -12.94 -39.75
C MET G 1 1.60 -12.10 -38.58
N LEU G 2 1.21 -10.87 -38.92
CA LEU G 2 0.73 -9.86 -37.99
C LEU G 2 -0.49 -10.31 -37.18
N PRO G 3 -0.49 -9.99 -35.88
CA PRO G 3 -1.58 -10.19 -34.92
C PRO G 3 -2.94 -9.87 -35.53
N LEU G 4 -3.06 -8.67 -36.11
CA LEU G 4 -4.34 -8.22 -36.61
C LEU G 4 -4.87 -9.09 -37.74
N TYR G 5 -4.00 -9.44 -38.69
CA TYR G 5 -4.35 -10.29 -39.81
C TYR G 5 -4.82 -11.64 -39.30
N LEU G 6 -4.10 -12.14 -38.30
CA LEU G 6 -4.36 -13.43 -37.69
C LEU G 6 -5.76 -13.47 -37.13
N LEU G 7 -6.09 -12.46 -36.34
CA LEU G 7 -7.43 -12.35 -35.82
C LEU G 7 -8.44 -12.27 -36.97
N THR G 8 -8.22 -11.34 -37.91
CA THR G 8 -9.09 -11.10 -39.05
C THR G 8 -9.50 -12.39 -39.74
N ASN G 9 -8.56 -13.32 -39.84
CA ASN G 9 -8.89 -14.60 -40.46
C ASN G 9 -9.30 -15.68 -39.48
N ALA G 10 -9.15 -15.40 -38.19
CA ALA G 10 -9.57 -16.37 -37.18
C ALA G 10 -11.06 -16.20 -36.83
N LYS G 11 -11.76 -15.51 -37.71
CA LYS G 11 -13.18 -15.26 -37.55
C LYS G 11 -13.96 -16.58 -37.63
N GLY G 12 -14.65 -16.91 -36.55
CA GLY G 12 -15.42 -18.14 -36.47
C GLY G 12 -14.78 -19.17 -35.57
N GLN G 13 -13.55 -18.90 -35.14
CA GLN G 13 -12.86 -19.79 -34.21
C GLN G 13 -13.18 -19.47 -32.77
N GLN G 14 -12.74 -20.37 -31.90
CA GLN G 14 -12.90 -20.21 -30.47
C GLN G 14 -11.62 -19.65 -29.86
N MET G 15 -11.75 -18.76 -28.89
CA MET G 15 -10.61 -18.19 -28.20
C MET G 15 -10.94 -17.63 -26.81
N GLN G 16 -9.88 -17.43 -26.04
CA GLN G 16 -9.98 -17.10 -24.64
C GLN G 16 -9.20 -15.82 -24.33
N ILE G 17 -9.93 -14.74 -24.09
CA ILE G 17 -9.35 -13.44 -23.89
C ILE G 17 -9.17 -13.14 -22.39
N GLU G 18 -7.98 -12.68 -22.04
CA GLU G 18 -7.74 -12.13 -20.72
C GLU G 18 -7.91 -10.62 -20.73
N LEU G 19 -8.64 -10.08 -19.78
CA LEU G 19 -8.80 -8.64 -19.67
C LEU G 19 -7.79 -8.01 -18.71
N LYS G 20 -7.62 -6.70 -18.81
CA LYS G 20 -6.72 -5.99 -17.92
C LYS G 20 -7.25 -6.07 -16.50
N ASN G 21 -8.55 -6.30 -16.45
CA ASN G 21 -9.36 -6.39 -15.27
C ASN G 21 -9.07 -7.65 -14.45
N GLY G 22 -8.74 -8.74 -15.14
CA GLY G 22 -8.52 -10.01 -14.48
C GLY G 22 -9.62 -10.97 -14.89
N GLU G 23 -10.44 -10.52 -15.81
CA GLU G 23 -11.53 -11.36 -16.30
C GLU G 23 -11.16 -12.24 -17.50
N ILE G 24 -11.51 -13.51 -17.40
CA ILE G 24 -11.40 -14.45 -18.49
C ILE G 24 -12.68 -14.50 -19.31
N ILE G 25 -12.54 -14.53 -20.63
CA ILE G 25 -13.69 -14.59 -21.51
C ILE G 25 -13.51 -15.68 -22.58
N GLN G 26 -14.37 -16.69 -22.53
CA GLN G 26 -14.34 -17.77 -23.51
C GLN G 26 -15.43 -17.56 -24.55
N GLY G 27 -15.04 -17.38 -25.80
CA GLY G 27 -16.04 -17.22 -26.85
C GLY G 27 -15.60 -17.67 -28.23
N ILE G 28 -16.52 -17.58 -29.19
CA ILE G 28 -16.16 -17.76 -30.61
C ILE G 28 -16.06 -16.37 -31.20
N LEU G 29 -15.04 -16.12 -32.01
CA LEU G 29 -14.81 -14.77 -32.51
C LEU G 29 -15.76 -14.39 -33.66
N THR G 30 -16.39 -13.22 -33.58
CA THR G 30 -17.24 -12.78 -34.69
C THR G 30 -16.73 -11.59 -35.52
N ASN G 31 -16.17 -10.56 -34.88
CA ASN G 31 -15.60 -9.45 -35.65
C ASN G 31 -14.41 -8.77 -34.96
N VAL G 32 -13.51 -8.24 -35.79
CA VAL G 32 -12.31 -7.54 -35.31
C VAL G 32 -12.10 -6.29 -36.16
N ASP G 33 -11.62 -5.22 -35.54
CA ASP G 33 -11.23 -4.03 -36.29
C ASP G 33 -9.78 -3.68 -36.02
N ASN G 34 -9.33 -2.54 -36.51
CA ASN G 34 -7.92 -2.21 -36.36
C ASN G 34 -7.50 -1.82 -34.96
N TRP G 35 -8.47 -1.45 -34.13
CA TRP G 35 -8.19 -1.11 -32.74
C TRP G 35 -8.16 -2.38 -31.90
N MET G 36 -8.46 -3.50 -32.56
CA MET G 36 -8.56 -4.82 -31.93
C MET G 36 -9.82 -4.94 -31.06
N ASN G 37 -10.79 -4.06 -31.28
CA ASN G 37 -12.11 -4.26 -30.70
C ASN G 37 -12.68 -5.59 -31.20
N LEU G 38 -13.27 -6.37 -30.32
CA LEU G 38 -13.77 -7.70 -30.65
C LEU G 38 -15.26 -7.86 -30.39
N THR G 39 -15.93 -8.65 -31.22
CA THR G 39 -17.26 -9.10 -30.89
C THR G 39 -17.18 -10.61 -30.84
N LEU G 40 -17.71 -11.25 -29.80
CA LEU G 40 -17.70 -12.70 -29.73
C LEU G 40 -19.11 -13.25 -29.51
N SER G 41 -19.40 -14.42 -30.06
CA SER G 41 -20.64 -15.11 -29.79
C SER G 41 -20.42 -16.22 -28.75
N ASN G 42 -21.49 -16.92 -28.40
CA ASN G 42 -21.40 -18.10 -27.53
C ASN G 42 -20.45 -17.94 -26.36
N VAL G 43 -20.72 -16.93 -25.56
CA VAL G 43 -19.75 -16.40 -24.63
C VAL G 43 -19.98 -16.88 -23.22
N THR G 44 -18.88 -17.15 -22.51
CA THR G 44 -18.89 -17.34 -21.08
C THR G 44 -17.79 -16.46 -20.48
N GLU G 45 -18.15 -15.69 -19.45
CA GLU G 45 -17.19 -14.82 -18.80
C GLU G 45 -17.01 -15.20 -17.33
N TYR G 46 -15.76 -15.21 -16.87
CA TYR G 46 -15.46 -15.59 -15.49
C TYR G 46 -14.88 -14.41 -14.72
N SER G 47 -15.42 -14.17 -13.53
CA SER G 47 -14.94 -13.09 -12.68
C SER G 47 -13.42 -13.13 -12.55
N VAL G 64 -21.25 -16.76 -16.19
CA VAL G 64 -22.18 -15.91 -16.93
C VAL G 64 -22.18 -16.22 -18.43
N LYS G 65 -23.24 -16.84 -18.93
CA LYS G 65 -23.30 -17.17 -20.35
C LYS G 65 -24.03 -16.09 -21.13
N LEU G 66 -23.41 -15.60 -22.20
CA LEU G 66 -24.03 -14.53 -23.00
C LEU G 66 -24.09 -14.84 -24.50
N ASN G 67 -25.02 -14.19 -25.19
CA ASN G 67 -25.20 -14.34 -26.63
C ASN G 67 -24.04 -13.78 -27.43
N GLU G 68 -23.69 -12.55 -27.09
CA GLU G 68 -22.75 -11.73 -27.83
C GLU G 68 -22.06 -10.82 -26.83
N ILE G 69 -20.78 -10.54 -27.04
CA ILE G 69 -20.08 -9.52 -26.25
C ILE G 69 -19.22 -8.62 -27.13
N TYR G 70 -19.05 -7.37 -26.70
CA TYR G 70 -18.12 -6.46 -27.35
C TYR G 70 -17.03 -6.09 -26.36
N ILE G 71 -15.79 -6.03 -26.85
CA ILE G 71 -14.61 -5.76 -26.03
C ILE G 71 -13.74 -4.69 -26.69
N ARG G 72 -13.51 -3.59 -26.00
CA ARG G 72 -12.59 -2.59 -26.53
C ARG G 72 -11.18 -3.19 -26.55
N GLY G 73 -10.40 -2.83 -27.56
CA GLY G 73 -9.08 -3.41 -27.76
C GLY G 73 -8.13 -3.10 -26.61
N THR G 74 -8.23 -1.88 -26.10
CA THR G 74 -7.30 -1.37 -25.10
C THR G 74 -7.41 -2.07 -23.77
N PHE G 75 -8.38 -2.96 -23.61
CA PHE G 75 -8.61 -3.58 -22.33
C PHE G 75 -8.27 -5.07 -22.30
N ILE G 76 -7.75 -5.55 -23.42
CA ILE G 76 -7.22 -6.90 -23.56
C ILE G 76 -5.77 -6.94 -23.08
N LYS G 77 -5.43 -7.97 -22.30
CA LYS G 77 -4.04 -8.28 -21.96
C LYS G 77 -3.46 -9.21 -23.01
N PHE G 78 -4.08 -10.37 -23.14
CA PHE G 78 -3.62 -11.39 -24.08
C PHE G 78 -4.72 -12.35 -24.50
N ILE G 79 -4.52 -12.93 -25.68
CA ILE G 79 -5.49 -13.85 -26.24
C ILE G 79 -4.94 -15.26 -26.45
N LYS G 80 -5.51 -16.23 -25.74
CA LYS G 80 -5.25 -17.65 -26.03
C LYS G 80 -6.02 -18.12 -27.25
N LEU G 81 -5.28 -18.53 -28.26
CA LEU G 81 -5.82 -19.06 -29.51
C LEU G 81 -5.95 -20.58 -29.48
N GLN G 82 -6.86 -21.14 -30.26
CA GLN G 82 -6.89 -22.60 -30.45
C GLN G 82 -5.69 -23.01 -31.31
N ASP G 83 -5.13 -24.19 -31.02
CA ASP G 83 -3.87 -24.60 -31.64
C ASP G 83 -4.00 -24.82 -33.16
N ASN G 84 -5.20 -25.20 -33.58
CA ASN G 84 -5.60 -25.17 -34.99
C ASN G 84 -5.15 -23.95 -35.80
N ILE G 85 -4.96 -22.84 -35.09
CA ILE G 85 -4.97 -21.48 -35.67
C ILE G 85 -4.22 -21.30 -36.99
N ILE G 86 -2.92 -21.63 -36.98
CA ILE G 86 -2.04 -21.50 -38.13
C ILE G 86 -2.60 -22.17 -39.39
N ASP G 87 -3.15 -23.37 -39.24
CA ASP G 87 -3.69 -24.08 -40.40
C ASP G 87 -5.06 -23.55 -40.84
N LYS G 88 -5.81 -22.95 -39.91
CA LYS G 88 -7.17 -22.52 -40.20
C LYS G 88 -7.25 -21.21 -40.99
N VAL G 89 -6.59 -20.16 -40.50
CA VAL G 89 -6.41 -18.95 -41.31
C VAL G 89 -5.64 -19.32 -42.59
N LYS G 90 -4.39 -19.70 -42.43
CA LYS G 90 -3.52 -20.03 -43.56
C LYS G 90 -3.81 -21.42 -44.14
N THR H 4 -16.10 -1.36 34.07
CA THR H 4 -16.49 -2.72 33.67
C THR H 4 -17.72 -2.74 32.76
N LEU H 5 -18.01 -3.88 32.16
CA LEU H 5 -19.25 -4.08 31.44
C LEU H 5 -20.33 -4.65 32.34
N LYS H 6 -20.16 -4.46 33.66
CA LYS H 6 -21.07 -5.02 34.66
C LYS H 6 -22.41 -4.31 34.65
N ASP H 7 -22.61 -3.39 33.73
CA ASP H 7 -23.88 -2.69 33.59
C ASP H 7 -24.59 -3.28 32.39
N TYR H 8 -23.81 -3.99 31.57
CA TYR H 8 -24.22 -4.38 30.22
C TYR H 8 -24.81 -5.77 30.12
N LEU H 9 -24.81 -6.50 31.23
CA LEU H 9 -25.29 -7.89 31.27
C LEU H 9 -26.68 -7.99 30.63
N ASN H 10 -26.80 -8.91 29.67
CA ASN H 10 -28.06 -9.21 29.00
C ASN H 10 -28.69 -8.17 28.09
N LYS H 11 -28.10 -6.98 28.01
CA LYS H 11 -28.56 -5.99 27.03
C LYS H 11 -28.08 -6.28 25.61
N ARG H 12 -28.71 -5.66 24.63
CA ARG H 12 -28.26 -5.72 23.26
C ARG H 12 -27.05 -4.80 23.12
N VAL H 13 -26.08 -5.23 22.34
CA VAL H 13 -24.81 -4.50 22.22
C VAL H 13 -24.27 -4.43 20.79
N VAL H 14 -23.53 -3.36 20.55
CA VAL H 14 -22.84 -3.12 19.30
C VAL H 14 -21.33 -3.26 19.55
N ILE H 15 -20.68 -4.15 18.83
CA ILE H 15 -19.24 -4.25 18.97
C ILE H 15 -18.56 -3.82 17.69
N ILE H 16 -17.57 -2.93 17.84
CA ILE H 16 -16.73 -2.49 16.74
C ILE H 16 -15.37 -3.13 16.94
N LEU H 17 -14.95 -3.90 15.95
CA LEU H 17 -13.69 -4.62 16.02
C LEU H 17 -12.53 -3.79 15.44
N VAL H 18 -11.31 -4.13 15.85
CA VAL H 18 -10.13 -3.39 15.40
C VAL H 18 -9.96 -3.42 13.86
N ASP H 19 -10.46 -4.48 13.22
CA ASP H 19 -10.46 -4.60 11.77
C ASP H 19 -11.57 -3.75 11.10
N GLY H 20 -12.44 -3.18 11.94
CA GLY H 20 -13.44 -2.22 11.51
C GLY H 20 -14.73 -2.79 10.95
N GLU H 21 -15.26 -3.82 11.63
CA GLU H 21 -16.59 -4.37 11.32
C GLU H 21 -17.49 -4.25 12.55
N SER H 22 -18.80 -4.16 12.33
CA SER H 22 -19.74 -4.02 13.45
C SER H 22 -20.56 -5.29 13.67
N LEU H 23 -20.96 -5.53 14.92
CA LEU H 23 -21.78 -6.70 15.25
C LEU H 23 -22.88 -6.34 16.25
N ILE H 24 -24.10 -6.82 16.01
CA ILE H 24 -25.16 -6.70 17.01
C ILE H 24 -25.26 -8.01 17.77
N ALA H 25 -25.40 -7.94 19.08
CA ALA H 25 -25.37 -9.17 19.86
C ALA H 25 -25.97 -9.01 21.25
N SER H 26 -25.93 -10.08 22.03
CA SER H 26 -26.29 -10.05 23.44
C SER H 26 -25.15 -10.64 24.25
N LEU H 27 -24.70 -9.91 25.27
CA LEU H 27 -23.56 -10.37 26.05
C LEU H 27 -23.99 -11.05 27.35
N ASN H 28 -23.95 -12.38 27.35
CA ASN H 28 -24.28 -13.15 28.54
C ASN H 28 -23.19 -13.10 29.61
N GLY H 29 -21.93 -13.10 29.19
CA GLY H 29 -20.81 -13.09 30.12
C GLY H 29 -19.57 -12.42 29.56
N PHE H 30 -18.68 -11.98 30.45
CA PHE H 30 -17.45 -11.32 30.02
C PHE H 30 -16.36 -11.51 31.07
N ASP H 31 -15.10 -11.41 30.65
CA ASP H 31 -13.98 -11.48 31.62
C ASP H 31 -13.15 -10.20 31.64
N LYS H 32 -12.11 -10.19 32.48
CA LYS H 32 -11.27 -9.02 32.70
C LYS H 32 -10.20 -8.88 31.61
N ASN H 33 -10.45 -9.56 30.48
CA ASN H 33 -9.64 -9.44 29.30
C ASN H 33 -10.59 -9.04 28.20
N THR H 34 -11.72 -8.50 28.60
CA THR H 34 -12.87 -8.23 27.72
C THR H 34 -13.18 -9.28 26.62
N ASN H 35 -13.01 -10.55 26.96
CA ASN H 35 -13.45 -11.63 26.10
C ASN H 35 -14.98 -11.65 26.05
N LEU H 36 -15.54 -11.25 24.91
CA LEU H 36 -16.99 -11.14 24.78
C LEU H 36 -17.69 -12.49 24.61
N PHE H 37 -18.36 -12.92 25.67
CA PHE H 37 -19.17 -14.13 25.61
C PHE H 37 -20.59 -13.76 25.19
N LEU H 38 -20.90 -13.93 23.91
CA LEU H 38 -22.15 -13.44 23.33
C LEU H 38 -22.96 -14.47 22.52
N THR H 39 -24.23 -14.15 22.31
CA THR H 39 -25.16 -15.04 21.61
C THR H 39 -25.97 -14.31 20.54
N ASN H 40 -26.43 -15.07 19.55
CA ASN H 40 -27.24 -14.51 18.47
C ASN H 40 -26.53 -13.40 17.71
N VAL H 41 -25.24 -13.57 17.50
CA VAL H 41 -24.43 -12.59 16.78
C VAL H 41 -24.77 -12.49 15.30
N PHE H 42 -24.64 -11.28 14.77
CA PHE H 42 -24.80 -11.00 13.34
C PHE H 42 -24.13 -9.69 12.95
N ASN H 43 -23.85 -9.53 11.67
CA ASN H 43 -23.21 -8.33 11.17
C ASN H 43 -24.05 -7.08 11.45
N ARG H 44 -23.68 -5.96 10.84
CA ARG H 44 -24.39 -4.71 11.03
C ARG H 44 -24.18 -3.76 9.85
N LYS H 47 -25.88 -8.18 6.19
CA LYS H 47 -26.56 -8.05 7.48
C LYS H 47 -27.26 -9.35 7.85
N GLU H 48 -26.56 -10.47 7.70
CA GLU H 48 -27.12 -11.77 8.02
C GLU H 48 -26.49 -12.35 9.29
N PHE H 49 -27.33 -12.90 10.16
CA PHE H 49 -26.86 -13.48 11.41
C PHE H 49 -25.65 -14.37 11.19
N ILE H 50 -24.93 -14.69 12.26
CA ILE H 50 -23.75 -15.53 12.17
C ILE H 50 -23.87 -16.75 13.09
N SER H 51 -24.33 -16.52 14.31
CA SER H 51 -24.50 -17.60 15.30
C SER H 51 -25.41 -17.33 16.50
N LYS H 52 -25.83 -18.41 17.18
CA LYS H 52 -26.41 -18.28 18.51
C LYS H 52 -25.43 -18.87 19.50
N ALA H 53 -24.90 -18.02 20.37
CA ALA H 53 -23.88 -18.42 21.34
C ALA H 53 -22.52 -18.47 20.65
N GLN H 54 -21.69 -17.46 20.89
CA GLN H 54 -20.37 -17.42 20.29
C GLN H 54 -19.37 -16.72 21.22
N LEU H 55 -18.09 -16.97 21.01
CA LEU H 55 -17.08 -16.35 21.85
C LEU H 55 -16.14 -15.43 21.07
N LEU H 56 -16.07 -14.18 21.49
CA LEU H 56 -15.18 -13.23 20.83
C LEU H 56 -14.03 -12.91 21.78
N ARG H 57 -12.84 -12.75 21.20
CA ARG H 57 -11.64 -12.50 21.99
C ARG H 57 -11.42 -11.01 22.18
N GLY H 58 -11.09 -10.61 23.41
CA GLY H 58 -10.93 -9.21 23.72
C GLY H 58 -10.00 -8.48 22.78
N SER H 59 -8.98 -9.19 22.31
CA SER H 59 -8.00 -8.62 21.43
C SER H 59 -8.65 -8.00 20.20
N GLU H 60 -9.73 -8.59 19.70
CA GLU H 60 -10.36 -8.07 18.49
C GLU H 60 -11.44 -7.01 18.76
N ILE H 61 -11.85 -6.86 20.02
CA ILE H 61 -12.77 -5.77 20.37
C ILE H 61 -12.04 -4.43 20.38
N ALA H 62 -12.54 -3.47 19.62
CA ALA H 62 -12.01 -2.13 19.69
C ALA H 62 -12.92 -1.37 20.63
N LEU H 63 -14.19 -1.76 20.65
CA LEU H 63 -15.18 -0.87 21.23
C LEU H 63 -16.54 -1.51 21.45
N VAL H 64 -17.04 -1.44 22.68
CA VAL H 64 -18.38 -1.93 22.96
C VAL H 64 -19.36 -0.81 23.31
N GLY H 65 -20.49 -0.80 22.63
CA GLY H 65 -21.54 0.19 22.85
C GLY H 65 -22.89 -0.42 23.21
N LEU H 66 -23.60 0.23 24.12
CA LEU H 66 -24.87 -0.27 24.61
C LEU H 66 -26.04 0.23 23.76
N ILE H 67 -26.81 -0.70 23.22
CA ILE H 67 -27.97 -0.36 22.40
C ILE H 67 -29.25 -0.96 22.97
N MET I 1 -0.50 3.20 36.89
CA MET I 1 -1.05 3.78 38.11
C MET I 1 -1.28 5.28 37.99
N LEU I 2 -0.21 6.03 37.77
CA LEU I 2 -0.30 7.50 37.68
C LEU I 2 -1.48 8.00 36.79
N PHE I 3 -1.51 7.56 35.55
CA PHE I 3 -2.54 7.98 34.61
C PHE I 3 -3.93 7.46 34.99
N PHE I 4 -4.00 6.51 35.89
CA PHE I 4 -5.29 6.08 36.41
C PHE I 4 -5.85 7.25 37.23
N SER I 5 -5.06 7.70 38.21
CA SER I 5 -5.33 8.94 38.96
C SER I 5 -5.79 10.03 38.02
N PHE I 6 -4.87 10.45 37.15
CA PHE I 6 -5.14 11.59 36.29
C PHE I 6 -6.43 11.45 35.50
N PHE I 7 -6.65 10.27 34.93
CA PHE I 7 -7.88 10.04 34.19
C PHE I 7 -9.10 10.12 35.10
N LYS I 8 -8.94 9.79 36.38
CA LYS I 8 -10.07 9.88 37.30
C LYS I 8 -10.35 11.34 37.56
N THR I 9 -9.29 12.16 37.49
CA THR I 9 -9.40 13.60 37.72
C THR I 9 -10.26 14.31 36.67
N LEU I 10 -10.68 13.54 35.67
CA LEU I 10 -11.37 14.09 34.52
C LEU I 10 -12.80 13.60 34.32
N VAL I 11 -13.43 13.10 35.38
CA VAL I 11 -14.77 12.55 35.22
C VAL I 11 -15.81 13.67 35.06
N ASP I 12 -16.94 13.35 34.46
CA ASP I 12 -17.98 14.36 34.23
C ASP I 12 -17.54 15.38 33.19
N GLN I 13 -16.50 15.05 32.44
CA GLN I 13 -15.97 15.97 31.43
C GLN I 13 -16.25 15.47 30.02
N GLU I 14 -16.25 16.40 29.06
CA GLU I 14 -16.45 16.05 27.66
C GLU I 14 -15.13 16.06 26.93
N VAL I 15 -14.72 14.89 26.43
CA VAL I 15 -13.45 14.77 25.73
C VAL I 15 -13.63 14.15 24.35
N VAL I 16 -12.58 14.21 23.54
CA VAL I 16 -12.60 13.61 22.21
C VAL I 16 -11.58 12.49 22.14
N VAL I 17 -12.06 11.27 21.96
CA VAL I 17 -11.19 10.12 21.92
C VAL I 17 -10.99 9.69 20.48
N GLU I 18 -9.73 9.49 20.10
CA GLU I 18 -9.40 9.00 18.75
C GLU I 18 -8.79 7.61 18.86
N LEU I 19 -9.38 6.66 18.14
CA LEU I 19 -8.88 5.28 18.17
C LEU I 19 -7.88 5.01 17.05
N LYS I 20 -7.20 3.89 17.15
CA LYS I 20 -6.19 3.45 16.18
C LYS I 20 -6.82 3.25 14.81
N ASN I 21 -8.06 2.81 14.82
CA ASN I 21 -8.81 2.49 13.60
C ASN I 21 -9.09 3.75 12.80
N ASP I 22 -8.89 4.89 13.45
CA ASP I 22 -9.14 6.21 12.89
C ASP I 22 -10.58 6.66 13.15
N ILE I 23 -11.32 5.80 13.83
CA ILE I 23 -12.64 6.18 14.32
C ILE I 23 -12.45 7.23 15.41
N GLU I 24 -13.37 8.19 15.46
CA GLU I 24 -13.27 9.31 16.40
C GLU I 24 -14.60 9.59 17.11
N ILE I 25 -14.56 9.85 18.41
CA ILE I 25 -15.77 9.86 19.23
C ILE I 25 -15.74 10.86 20.39
N LYS I 26 -16.73 11.77 20.44
CA LYS I 26 -16.87 12.75 21.52
C LYS I 26 -17.73 12.18 22.63
N GLY I 27 -17.56 12.65 23.86
CA GLY I 27 -18.42 12.17 24.93
C GLY I 27 -18.07 12.62 26.33
N THR I 28 -18.94 12.32 27.29
CA THR I 28 -18.69 12.65 28.69
C THR I 28 -18.05 11.45 29.44
N LEU I 29 -16.81 11.63 29.87
CA LEU I 29 -16.07 10.59 30.59
C LEU I 29 -16.78 10.21 31.87
N GLN I 30 -17.42 9.05 31.83
CA GLN I 30 -18.18 8.56 32.98
C GLN I 30 -17.37 7.62 33.87
N SER I 31 -16.38 6.94 33.31
CA SER I 31 -15.63 5.93 34.05
C SER I 31 -14.25 5.60 33.47
N VAL I 32 -13.26 5.42 34.36
CA VAL I 32 -11.90 5.04 33.97
C VAL I 32 -11.40 3.84 34.78
N ASP I 33 -10.83 2.83 34.12
CA ASP I 33 -10.09 1.84 34.91
C ASP I 33 -8.57 1.85 34.68
N GLN I 34 -7.90 0.75 35.00
CA GLN I 34 -6.45 0.70 35.01
C GLN I 34 -5.88 0.54 33.61
N PHE I 35 -6.47 -0.35 32.83
CA PHE I 35 -6.06 -0.57 31.46
C PHE I 35 -6.38 0.69 30.68
N LEU I 36 -6.90 1.69 31.38
CA LEU I 36 -7.27 2.94 30.73
C LEU I 36 -8.56 2.83 29.91
N ASN I 37 -9.22 1.67 29.98
CA ASN I 37 -10.50 1.48 29.30
C ASN I 37 -11.39 2.68 29.58
N LEU I 38 -12.21 3.09 28.61
CA LEU I 38 -12.92 4.34 28.78
C LEU I 38 -14.42 4.16 28.66
N LYS I 39 -15.16 5.03 29.35
CA LYS I 39 -16.59 4.98 29.35
C LYS I 39 -17.10 6.37 29.08
N LEU I 40 -18.13 6.46 28.24
CA LEU I 40 -18.67 7.76 27.85
C LEU I 40 -20.18 7.77 27.74
N ASP I 41 -20.80 8.71 28.45
CA ASP I 41 -22.21 9.02 28.23
C ASP I 41 -22.29 10.06 27.13
N ASN I 42 -23.37 10.03 26.35
CA ASN I 42 -23.61 11.02 25.29
C ASN I 42 -22.70 10.93 24.09
N ILE I 43 -22.71 9.79 23.41
CA ILE I 43 -21.90 9.60 22.23
C ILE I 43 -22.27 10.58 21.12
N SER I 44 -21.26 11.18 20.48
CA SER I 44 -21.47 12.14 19.41
C SER I 44 -20.43 12.00 18.30
N SER I 45 -20.65 12.72 17.19
CA SER I 45 -19.79 12.63 16.02
C SER I 45 -19.01 13.91 15.76
N THR I 46 -17.70 13.78 15.59
CA THR I 46 -16.84 14.93 15.33
C THR I 46 -16.17 14.83 13.96
N LYS I 50 -14.71 9.89 10.12
CA LYS I 50 -13.95 9.44 11.29
C LYS I 50 -14.86 8.74 12.30
N TYR I 51 -16.17 8.86 12.09
CA TYR I 51 -17.16 8.36 13.03
C TYR I 51 -17.79 7.03 12.59
N PRO I 52 -17.88 6.09 13.52
CA PRO I 52 -18.53 4.81 13.23
C PRO I 52 -20.01 5.04 13.00
N HIS I 53 -20.65 4.20 12.20
CA HIS I 53 -22.03 4.45 11.81
C HIS I 53 -22.99 3.98 12.89
N LEU I 54 -23.04 4.73 13.99
CA LEU I 54 -24.00 4.49 15.05
C LEU I 54 -24.79 5.76 15.33
N GLY I 55 -26.11 5.64 15.39
CA GLY I 55 -26.97 6.75 15.77
C GLY I 55 -27.77 6.50 17.02
N SER I 56 -27.89 5.23 17.40
CA SER I 56 -28.78 4.82 18.49
C SER I 56 -28.11 4.47 19.81
N VAL I 57 -26.81 4.74 19.94
CA VAL I 57 -26.09 4.32 21.14
C VAL I 57 -25.74 5.46 22.09
N ARG I 58 -26.09 5.28 23.36
CA ARG I 58 -25.83 6.29 24.38
C ARG I 58 -24.47 6.22 25.07
N ASN I 59 -24.13 5.05 25.60
CA ASN I 59 -22.98 4.90 26.49
C ASN I 59 -22.05 3.82 25.94
N ILE I 60 -20.76 4.11 25.82
CA ILE I 60 -19.86 3.09 25.28
C ILE I 60 -18.62 2.75 26.10
N PHE I 61 -18.19 1.51 25.90
CA PHE I 61 -16.98 0.96 26.47
C PHE I 61 -15.89 0.88 25.42
N ILE I 62 -14.91 1.76 25.58
CA ILE I 62 -13.82 1.81 24.66
C ILE I 62 -12.68 0.98 25.22
N ARG I 63 -12.26 -0.02 24.45
CA ARG I 63 -11.11 -0.83 24.81
C ARG I 63 -9.88 0.05 24.86
N GLY I 64 -9.25 0.07 26.02
CA GLY I 64 -8.11 0.93 26.30
C GLY I 64 -6.93 0.76 25.35
N SER I 65 -6.61 -0.50 25.05
CA SER I 65 -5.52 -0.86 24.17
C SER I 65 -5.63 -0.31 22.76
N THR I 66 -6.80 0.23 22.42
CA THR I 66 -7.07 0.71 21.07
C THR I 66 -7.18 2.24 20.98
N VAL I 67 -6.95 2.94 22.09
CA VAL I 67 -6.92 4.39 22.01
C VAL I 67 -5.57 4.86 21.47
N ARG I 68 -5.58 5.95 20.71
CA ARG I 68 -4.32 6.55 20.25
C ARG I 68 -4.18 7.87 20.95
N TYR I 69 -5.20 8.70 20.81
CA TYR I 69 -5.19 10.02 21.43
C TYR I 69 -6.42 10.25 22.30
N VAL I 70 -6.22 10.94 23.42
CA VAL I 70 -7.31 11.59 24.10
C VAL I 70 -7.05 13.08 24.08
N TYR I 71 -8.00 13.83 23.54
CA TYR I 71 -7.87 15.28 23.46
C TYR I 71 -8.46 15.98 24.69
N LEU I 72 -7.66 16.82 25.33
CA LEU I 72 -8.11 17.50 26.54
C LEU I 72 -7.82 18.98 26.54
N ASN I 73 -8.78 19.75 27.04
CA ASN I 73 -8.62 21.18 27.19
C ASN I 73 -7.58 21.51 28.26
N LYS I 74 -6.92 22.64 28.12
CA LYS I 74 -5.85 23.04 29.02
C LYS I 74 -6.41 23.17 30.43
N ASN I 75 -7.64 23.66 30.52
CA ASN I 75 -8.27 23.92 31.80
C ASN I 75 -8.46 22.68 32.68
N MET I 76 -8.82 21.55 32.09
CA MET I 76 -9.22 20.39 32.87
C MET I 76 -8.10 19.79 33.69
N VAL I 77 -6.97 20.47 33.71
CA VAL I 77 -5.75 19.85 34.15
C VAL I 77 -4.87 20.84 34.87
N ASP I 78 -4.32 20.43 36.00
CA ASP I 78 -3.30 21.23 36.66
C ASP I 78 -1.98 20.70 36.16
N THR I 79 -1.15 21.57 35.59
CA THR I 79 0.09 21.11 34.97
C THR I 79 1.26 20.91 35.95
N ASN I 80 1.26 21.66 37.06
CA ASN I 80 2.30 21.52 38.06
C ASN I 80 2.10 20.24 38.86
N LEU I 81 0.80 19.90 39.05
CA LEU I 81 0.39 18.63 39.65
C LEU I 81 0.99 17.45 38.87
N LEU I 82 0.58 17.31 37.60
CA LEU I 82 1.05 16.27 36.71
C LEU I 82 2.56 16.26 36.64
N GLN I 83 3.16 17.42 36.52
CA GLN I 83 4.60 17.48 36.41
C GLN I 83 5.34 16.91 37.62
N ASP I 84 4.97 17.36 38.82
CA ASP I 84 5.69 16.84 39.98
C ASP I 84 5.36 15.40 40.32
N ALA I 85 4.10 15.03 40.15
CA ALA I 85 3.67 13.62 40.16
C ALA I 85 4.60 12.75 39.30
N THR I 86 4.74 13.13 38.04
CA THR I 86 5.64 12.44 37.14
C THR I 86 7.05 12.46 37.69
N ARG I 87 7.44 13.57 38.28
CA ARG I 87 8.78 13.70 38.81
C ARG I 87 8.95 12.70 39.94
N ARG I 88 7.84 12.30 40.54
CA ARG I 88 7.86 11.41 41.69
C ARG I 88 7.75 9.95 41.27
N GLU I 89 6.99 9.69 40.21
CA GLU I 89 6.76 8.33 39.74
C GLU I 89 8.05 7.53 39.72
N VAL I 90 7.96 6.26 40.11
CA VAL I 90 9.12 5.38 40.11
C VAL I 90 9.09 4.48 38.88
N MET I 91 10.26 4.05 38.44
CA MET I 91 10.36 3.20 37.26
C MET I 91 11.66 2.41 37.25
N THR J 3 16.81 3.86 34.02
CA THR J 3 17.53 5.13 33.84
C THR J 3 17.15 5.98 32.60
N PRO J 4 16.79 5.35 31.44
CA PRO J 4 16.35 6.22 30.34
C PRO J 4 15.06 7.01 30.65
N LEU J 5 14.25 6.50 31.56
CA LEU J 5 13.04 7.19 31.98
C LEU J 5 13.32 8.37 32.91
N ASP J 6 14.43 8.29 33.67
CA ASP J 6 14.87 9.42 34.50
C ASP J 6 15.39 10.53 33.60
N LEU J 7 16.24 10.14 32.65
CA LEU J 7 16.76 11.07 31.66
C LEU J 7 15.62 11.65 30.83
N LEU J 8 14.51 10.93 30.78
CA LEU J 8 13.28 11.51 30.25
C LEU J 8 12.76 12.58 31.21
N LYS J 9 12.80 12.28 32.51
CA LYS J 9 12.27 13.22 33.52
C LYS J 9 12.97 14.56 33.44
N LEU J 10 14.24 14.53 33.02
CA LEU J 10 15.03 15.72 32.82
C LEU J 10 14.35 16.85 32.04
N ASN J 11 13.47 16.48 31.11
CA ASN J 11 12.91 17.44 30.17
C ASN J 11 11.44 17.79 30.40
N LEU J 12 10.97 17.64 31.64
CA LEU J 12 9.61 18.05 31.95
C LEU J 12 9.49 19.56 31.87
N ASP J 13 8.41 20.03 31.25
CA ASP J 13 8.21 21.47 31.05
C ASP J 13 9.13 21.96 29.93
N GLU J 14 9.70 21.00 29.20
CA GLU J 14 10.60 21.30 28.09
C GLU J 14 10.03 20.72 26.82
N ARG J 15 10.18 21.43 25.71
CA ARG J 15 9.54 21.01 24.46
C ARG J 15 10.16 19.71 23.98
N VAL J 16 9.32 18.82 23.47
CA VAL J 16 9.74 17.50 23.02
C VAL J 16 9.19 17.13 21.65
N TYR J 17 9.96 16.26 21.00
CA TYR J 17 9.70 15.71 19.67
C TYR J 17 9.52 14.21 19.79
N ILE J 18 8.33 13.72 19.46
CA ILE J 18 8.04 12.29 19.56
C ILE J 18 7.66 11.69 18.23
N LYS J 19 8.29 10.54 17.96
CA LYS J 19 7.98 9.73 16.80
C LYS J 19 7.03 8.62 17.22
N LEU J 20 5.94 8.47 16.47
CA LEU J 20 4.97 7.38 16.67
C LEU J 20 4.85 6.52 15.42
N ARG J 21 4.34 5.29 15.60
CA ARG J 21 4.01 4.40 14.49
C ARG J 21 3.05 5.04 13.54
N GLY J 22 3.24 4.78 12.25
CA GLY J 22 2.33 5.27 11.23
C GLY J 22 2.74 6.61 10.65
N ALA J 23 4.04 6.86 10.64
CA ALA J 23 4.58 8.14 10.13
C ALA J 23 3.93 9.36 10.80
N ARG J 24 3.72 9.24 12.11
CA ARG J 24 3.11 10.31 12.89
C ARG J 24 4.13 10.96 13.78
N THR J 25 4.18 12.28 13.72
CA THR J 25 5.12 13.06 14.53
C THR J 25 4.36 14.06 15.40
N LEU J 26 4.78 14.20 16.66
CA LEU J 26 4.13 15.16 17.55
C LEU J 26 5.19 16.05 18.15
N VAL J 27 4.98 17.37 18.08
CA VAL J 27 5.81 18.30 18.86
C VAL J 27 4.95 19.07 19.86
N GLY J 28 5.42 19.15 21.11
CA GLY J 28 4.59 19.73 22.17
C GLY J 28 5.36 19.86 23.46
N THR J 29 4.71 20.33 24.54
CA THR J 29 5.42 20.48 25.82
C THR J 29 5.11 19.36 26.80
N LEU J 30 6.17 18.71 27.30
CA LEU J 30 6.02 17.47 28.08
C LEU J 30 5.44 17.72 29.45
N GLN J 31 4.19 17.31 29.60
CA GLN J 31 3.46 17.57 30.83
C GLN J 31 3.49 16.32 31.71
N ALA J 32 3.37 15.13 31.11
CA ALA J 32 3.47 13.90 31.89
C ALA J 32 3.81 12.65 31.10
N PHE J 33 4.19 11.62 31.86
CA PHE J 33 4.52 10.31 31.33
C PHE J 33 4.79 9.28 32.40
N ASP J 34 4.56 8.01 32.05
CA ASP J 34 4.80 6.87 32.91
C ASP J 34 5.74 5.86 32.21
N SER J 35 5.86 4.67 32.77
CA SER J 35 6.83 3.68 32.27
C SER J 35 6.38 2.99 30.99
N HIS J 36 5.11 3.16 30.63
CA HIS J 36 4.59 2.70 29.34
C HIS J 36 4.84 3.71 28.23
N SER J 37 5.56 4.78 28.56
CA SER J 37 5.71 5.92 27.66
C SER J 37 4.35 6.52 27.33
N ASN J 38 3.36 6.30 28.20
CA ASN J 38 2.13 7.06 28.13
C ASN J 38 2.53 8.50 28.34
N ILE J 39 1.79 9.43 27.75
CA ILE J 39 2.22 10.83 27.74
C ILE J 39 1.07 11.84 27.72
N VAL J 40 1.22 12.91 28.50
CA VAL J 40 0.38 14.08 28.29
C VAL J 40 1.21 15.26 27.80
N LEU J 41 0.72 15.92 26.76
CA LEU J 41 1.39 17.05 26.12
C LEU J 41 0.43 18.21 25.94
N SER J 42 0.97 19.42 25.87
CA SER J 42 0.17 20.63 25.71
C SER J 42 0.70 21.47 24.57
N ASP J 43 -0.19 22.20 23.91
CA ASP J 43 0.23 23.05 22.81
C ASP J 43 0.96 22.23 21.76
N ALA J 44 0.42 21.06 21.44
CA ALA J 44 1.09 20.12 20.56
C ALA J 44 0.43 20.02 19.19
N VAL J 45 1.27 20.05 18.15
CA VAL J 45 0.84 19.82 16.78
C VAL J 45 1.32 18.45 16.36
N GLU J 46 0.42 17.70 15.71
CA GLU J 46 0.74 16.40 15.15
C GLU J 46 0.78 16.54 13.64
N THR J 47 1.77 15.94 13.01
CA THR J 47 1.85 15.92 11.57
C THR J 47 1.91 14.49 11.10
N ILE J 48 1.05 14.15 10.16
CA ILE J 48 0.97 12.78 9.67
C ILE J 48 1.43 12.67 8.22
N TYR J 49 2.26 11.69 7.93
CA TYR J 49 2.72 11.51 6.57
C TYR J 49 1.91 10.39 5.93
N GLN J 50 1.21 10.72 4.87
CA GLN J 50 0.31 9.77 4.21
C GLN J 50 0.64 9.62 2.74
N LEU J 51 0.58 8.38 2.25
CA LEU J 51 0.79 8.09 0.84
C LEU J 51 -0.52 7.64 0.22
N ASN J 52 -1.08 8.49 -0.63
CA ASN J 52 -2.33 8.19 -1.33
C ASN J 52 -2.24 8.56 -2.80
N ASN J 53 -2.76 7.69 -3.66
CA ASN J 53 -2.70 7.92 -5.09
C ASN J 53 -1.27 8.00 -5.62
N GLU J 54 -0.37 7.30 -4.93
CA GLU J 54 1.03 7.22 -5.34
C GLU J 54 1.75 8.55 -5.19
N GLU J 55 1.31 9.36 -4.22
CA GLU J 55 2.03 10.58 -3.91
C GLU J 55 2.07 10.76 -2.41
N LEU J 56 3.07 11.48 -1.94
CA LEU J 56 3.21 11.74 -0.52
C LEU J 56 2.55 13.04 -0.16
N SER J 57 1.87 13.06 0.98
CA SER J 57 1.44 14.33 1.52
C SER J 57 1.51 14.28 3.03
N GLU J 58 1.38 15.46 3.60
CA GLU J 58 1.61 15.70 5.00
C GLU J 58 0.35 16.40 5.48
N SER J 59 -0.08 16.08 6.68
CA SER J 59 -1.25 16.73 7.23
C SER J 59 -0.92 17.15 8.66
N GLU J 60 -1.78 17.96 9.26
CA GLU J 60 -1.51 18.56 10.57
C GLU J 60 -2.77 18.67 11.44
N ARG J 61 -2.54 18.85 12.74
CA ARG J 61 -3.60 18.75 13.73
C ARG J 61 -3.13 19.39 15.01
N ARG J 62 -3.70 20.54 15.36
CA ARG J 62 -3.30 21.21 16.60
C ARG J 62 -4.26 20.84 17.73
N SER J 63 -3.74 20.66 18.93
CA SER J 63 -4.58 20.42 20.09
C SER J 63 -3.89 20.97 21.33
N GLU J 64 -4.68 21.59 22.22
CA GLU J 64 -4.14 22.23 23.41
C GLU J 64 -3.59 21.20 24.38
N MET J 65 -4.42 20.23 24.75
CA MET J 65 -3.98 19.19 25.65
C MET J 65 -4.27 17.84 25.03
N VAL J 66 -3.29 16.96 25.04
CA VAL J 66 -3.50 15.66 24.45
C VAL J 66 -2.80 14.60 25.30
N PHE J 67 -3.52 13.51 25.57
CA PHE J 67 -2.96 12.35 26.22
C PHE J 67 -2.57 11.37 25.12
N ILE J 68 -1.48 10.64 25.32
CA ILE J 68 -0.97 9.72 24.30
C ILE J 68 -0.70 8.29 24.77
N ARG J 69 -1.38 7.33 24.15
CA ARG J 69 -1.18 5.93 24.46
C ARG J 69 0.23 5.54 24.14
N GLY J 70 0.96 5.01 25.12
CA GLY J 70 2.37 4.67 24.95
C GLY J 70 2.72 3.51 24.01
N ASP J 71 1.78 2.65 23.69
CA ASP J 71 2.08 1.49 22.88
C ASP J 71 2.48 1.86 21.44
N THR J 72 2.11 3.06 21.03
CA THR J 72 2.39 3.53 19.68
C THR J 72 3.68 4.39 19.62
N VAL J 73 4.17 4.79 20.78
CA VAL J 73 5.35 5.66 20.85
C VAL J 73 6.65 4.99 20.32
N THR J 74 7.44 5.71 19.54
CA THR J 74 8.66 5.10 19.02
C THR J 74 9.90 5.74 19.58
N LEU J 75 9.97 7.05 19.47
CA LEU J 75 11.17 7.73 19.90
C LEU J 75 10.81 9.00 20.60
N ILE J 76 11.60 9.38 21.59
CA ILE J 76 11.41 10.69 22.20
C ILE J 76 12.70 11.44 22.28
N SER J 77 12.67 12.67 21.82
CA SER J 77 13.79 13.57 21.96
C SER J 77 13.28 14.98 22.09
N THR J 78 14.12 15.93 21.68
CA THR J 78 13.76 17.33 21.68
C THR J 78 13.96 17.88 20.27
N PRO J 79 13.14 18.87 19.87
CA PRO J 79 13.24 19.52 18.55
C PRO J 79 14.58 20.23 18.34
N VAL K 11 24.41 -12.75 31.34
CA VAL K 11 25.37 -12.48 30.27
C VAL K 11 24.86 -11.34 29.38
N THR K 12 23.63 -11.49 28.88
CA THR K 12 22.93 -10.39 28.25
C THR K 12 22.85 -9.27 29.29
N THR K 13 22.50 -9.65 30.52
CA THR K 13 22.44 -8.73 31.66
C THR K 13 23.69 -7.85 31.84
N GLU K 14 24.87 -8.42 31.61
CA GLU K 14 26.13 -7.73 31.87
C GLU K 14 26.67 -7.00 30.65
N PHE K 15 26.38 -7.56 29.47
CA PHE K 15 26.67 -6.92 28.20
C PHE K 15 26.09 -5.50 28.18
N LEU K 16 24.82 -5.40 28.55
CA LEU K 16 24.14 -4.11 28.61
C LEU K 16 24.73 -3.17 29.67
N SER K 17 25.71 -3.66 30.40
CA SER K 17 26.47 -2.82 31.31
C SER K 17 27.86 -2.63 30.73
N ASP K 18 28.19 -3.45 29.73
CA ASP K 18 29.54 -3.50 29.24
C ASP K 18 29.82 -2.49 28.13
N ILE K 19 28.76 -2.02 27.50
CA ILE K 19 28.94 -1.15 26.33
C ILE K 19 28.43 0.25 26.59
N ILE K 20 28.22 0.57 27.86
CA ILE K 20 27.74 1.89 28.21
C ILE K 20 28.80 2.92 27.92
N GLY K 21 28.46 3.89 27.08
CA GLY K 21 29.38 4.95 26.71
C GLY K 21 29.95 4.70 25.33
N LYS K 22 29.79 3.47 24.83
CA LYS K 22 30.26 3.14 23.49
C LYS K 22 29.27 3.62 22.43
N THR K 23 29.62 3.41 21.18
CA THR K 23 28.73 3.81 20.11
C THR K 23 28.03 2.59 19.57
N VAL K 24 26.72 2.67 19.54
CA VAL K 24 25.92 1.54 19.12
C VAL K 24 24.96 1.92 18.01
N ASN K 25 24.67 0.93 17.18
CA ASN K 25 23.56 0.93 16.26
C ASN K 25 22.38 0.28 16.95
N VAL K 26 21.27 1.01 17.08
CA VAL K 26 20.05 0.38 17.54
C VAL K 26 19.02 0.33 16.42
N LYS K 27 18.59 -0.87 16.05
CA LYS K 27 17.56 -1.02 15.01
C LYS K 27 16.22 -1.31 15.66
N LEU K 28 15.20 -0.59 15.21
CA LEU K 28 13.82 -0.79 15.66
C LEU K 28 13.07 -1.74 14.74
N ALA K 29 11.90 -2.18 15.18
CA ALA K 29 11.08 -3.11 14.38
C ALA K 29 10.78 -2.61 12.97
N SER K 30 10.69 -1.27 12.83
CA SER K 30 10.37 -0.62 11.56
C SER K 30 11.45 -0.76 10.50
N GLY K 31 12.69 -0.92 10.91
CA GLY K 31 13.79 -0.95 9.97
C GLY K 31 14.67 0.30 10.08
N LEU K 32 14.14 1.35 10.71
CA LEU K 32 14.92 2.52 11.11
C LEU K 32 16.02 2.13 12.10
N LEU K 33 17.19 2.75 11.92
CA LEU K 33 18.32 2.48 12.79
C LEU K 33 18.96 3.78 13.24
N TYR K 34 19.53 3.74 14.44
CA TYR K 34 20.01 4.93 15.09
C TYR K 34 21.41 4.74 15.59
N SER K 35 22.33 5.57 15.14
CA SER K 35 23.71 5.43 15.57
C SER K 35 24.00 6.48 16.63
N GLY K 36 24.63 6.06 17.73
CA GLY K 36 24.93 7.00 18.80
C GLY K 36 25.59 6.44 20.03
N ARG K 37 26.07 7.32 20.90
CA ARG K 37 26.65 6.91 22.16
C ARG K 37 25.58 6.46 23.15
N LEU K 38 25.75 5.27 23.72
CA LEU K 38 24.84 4.78 24.74
C LEU K 38 24.94 5.52 26.07
N GLU K 39 23.85 6.17 26.48
CA GLU K 39 23.79 6.86 27.76
C GLU K 39 23.36 5.90 28.86
N SER K 40 22.25 5.19 28.62
CA SER K 40 21.75 4.15 29.53
C SER K 40 20.66 3.26 28.94
N ILE K 41 20.38 2.17 29.65
CA ILE K 41 19.43 1.18 29.19
C ILE K 41 18.83 0.48 30.40
N ASP K 42 17.57 0.06 30.31
CA ASP K 42 16.91 -0.61 31.43
C ASP K 42 16.51 -2.04 31.08
N GLY K 43 15.91 -2.73 32.04
CA GLY K 43 15.50 -4.10 31.80
C GLY K 43 14.35 -4.25 30.83
N PHE K 44 13.72 -3.14 30.48
CA PHE K 44 12.58 -3.20 29.56
C PHE K 44 12.99 -2.93 28.12
N MET K 45 14.30 -2.92 27.88
CA MET K 45 14.88 -2.70 26.56
C MET K 45 14.97 -1.22 26.18
N ASN K 46 14.56 -0.34 27.07
CA ASN K 46 14.66 1.09 26.78
C ASN K 46 16.08 1.57 26.66
N VAL K 47 16.28 2.55 25.80
CA VAL K 47 17.60 2.96 25.38
C VAL K 47 17.68 4.47 25.26
N ALA K 48 18.72 5.03 25.85
CA ALA K 48 18.98 6.46 25.76
C ALA K 48 20.25 6.66 24.98
N LEU K 49 20.17 7.30 23.83
CA LEU K 49 21.37 7.63 23.08
C LEU K 49 21.63 9.11 23.20
N SER K 50 22.89 9.49 23.10
CA SER K 50 23.23 10.89 22.91
C SER K 50 23.77 11.10 21.50
N SER K 51 23.41 12.22 20.88
CA SER K 51 23.92 12.56 19.56
C SER K 51 23.62 11.46 18.54
N ALA K 52 22.34 11.09 18.44
CA ALA K 52 21.94 10.01 17.53
C ALA K 52 21.57 10.47 16.12
N THR K 53 22.04 9.74 15.12
CA THR K 53 21.61 9.97 13.74
C THR K 53 20.66 8.84 13.33
N GLU K 54 19.81 9.14 12.35
CA GLU K 54 18.76 8.23 11.92
C GLU K 54 18.96 7.85 10.46
N HIS K 55 18.97 6.56 10.19
CA HIS K 55 19.16 6.02 8.86
C HIS K 55 18.14 4.91 8.67
N TYR K 56 17.84 4.56 7.43
CA TYR K 56 16.93 3.45 7.18
C TYR K 56 17.71 2.23 6.75
N GLU K 57 17.59 1.17 7.53
CA GLU K 57 18.26 -0.09 7.26
C GLU K 57 19.77 -0.06 7.46
N SER K 58 20.44 0.93 6.86
CA SER K 58 21.89 1.05 7.01
C SER K 58 22.37 2.49 7.23
N ASN K 59 23.48 2.62 7.94
CA ASN K 59 24.13 3.91 8.14
C ASN K 59 24.80 4.46 6.88
N ASN K 60 24.92 3.61 5.86
CA ASN K 60 25.49 3.99 4.57
C ASN K 60 24.44 4.62 3.69
N ASN K 61 23.18 4.48 4.10
CA ASN K 61 22.11 5.09 3.35
C ASN K 61 22.01 6.57 3.62
N LYS K 62 20.95 7.18 3.12
CA LYS K 62 20.77 8.60 3.36
C LYS K 62 20.52 8.89 4.83
N LEU K 63 21.24 9.88 5.36
CA LEU K 63 20.98 10.40 6.68
C LEU K 63 19.61 11.05 6.60
N LEU K 64 18.77 10.78 7.59
CA LEU K 64 17.38 11.22 7.58
C LEU K 64 17.16 12.21 8.70
N ASN K 65 18.00 12.13 9.73
CA ASN K 65 17.84 13.00 10.87
C ASN K 65 19.07 13.04 11.76
N LYS K 66 19.40 14.24 12.23
CA LYS K 66 20.38 14.38 13.31
C LYS K 66 19.67 14.90 14.56
N PHE K 67 19.98 14.27 15.69
CA PHE K 67 19.46 14.69 16.96
C PHE K 67 20.59 15.32 17.76
N ASN K 68 20.49 16.61 18.04
CA ASN K 68 21.56 17.29 18.76
C ASN K 68 21.60 16.81 20.21
N SER K 69 20.41 16.63 20.78
CA SER K 69 20.29 16.23 22.18
C SER K 69 19.96 14.75 22.31
N ASP K 70 19.50 14.37 23.51
CA ASP K 70 19.23 12.99 23.84
C ASP K 70 18.02 12.39 23.13
N VAL K 71 18.17 11.11 22.82
CA VAL K 71 17.19 10.33 22.10
C VAL K 71 16.70 9.15 22.98
N PHE K 72 15.39 9.03 23.17
CA PHE K 72 14.81 7.92 23.93
C PHE K 72 14.21 6.89 22.97
N LEU K 73 14.75 5.68 22.95
CA LEU K 73 14.20 4.62 22.09
C LEU K 73 13.36 3.62 22.89
N ARG K 74 12.12 3.42 22.49
CA ARG K 74 11.22 2.60 23.30
C ARG K 74 11.52 1.10 23.14
N GLY K 75 11.58 0.42 24.28
CA GLY K 75 11.98 -0.97 24.38
C GLY K 75 11.28 -1.96 23.49
N THR K 76 9.95 -1.92 23.46
CA THR K 76 9.14 -2.83 22.67
C THR K 76 9.55 -2.80 21.22
N GLN K 77 10.09 -1.68 20.80
CA GLN K 77 10.32 -1.46 19.40
C GLN K 77 11.70 -1.88 19.01
N VAL K 78 12.56 -2.14 19.99
CA VAL K 78 13.95 -2.50 19.72
C VAL K 78 14.15 -3.90 19.14
N MET K 79 14.78 -3.97 17.97
CA MET K 79 15.17 -5.22 17.35
C MET K 79 16.56 -5.60 17.82
N TYR K 80 17.54 -4.71 17.62
CA TYR K 80 18.85 -5.00 18.17
C TYR K 80 19.63 -3.78 18.67
N ILE K 81 20.59 -4.06 19.55
CA ILE K 81 21.63 -3.11 19.97
C ILE K 81 23.02 -3.69 19.66
N SER K 82 23.66 -3.12 18.64
CA SER K 82 24.89 -3.65 18.03
C SER K 82 26.03 -2.67 18.25
N GLU K 83 27.24 -3.17 18.45
CA GLU K 83 28.37 -2.26 18.60
C GLU K 83 29.16 -2.23 17.32
N GLN K 84 30.02 -1.19 17.21
CA GLN K 84 31.09 -1.00 16.23
C GLN K 84 31.26 0.50 16.06
N ILE L 6 15.37 -34.15 25.71
CA ILE L 6 16.32 -33.15 25.22
C ILE L 6 15.74 -31.74 25.18
N LEU L 7 16.27 -30.89 26.04
CA LEU L 7 15.69 -29.58 26.33
C LEU L 7 16.22 -28.47 25.41
N PRO L 8 15.30 -27.74 24.75
CA PRO L 8 15.59 -26.61 23.88
C PRO L 8 16.81 -25.77 24.30
N LEU L 9 16.83 -25.33 25.56
CA LEU L 9 17.90 -24.48 26.07
C LEU L 9 19.27 -25.17 26.11
N GLU L 10 19.23 -26.50 26.17
CA GLU L 10 20.47 -27.31 26.23
C GLU L 10 21.08 -27.33 24.85
N VAL L 11 20.21 -27.50 23.86
CA VAL L 11 20.57 -27.29 22.48
C VAL L 11 21.19 -25.91 22.29
N ILE L 12 20.43 -24.87 22.58
CA ILE L 12 20.97 -23.51 22.41
C ILE L 12 22.25 -23.28 23.22
N ASP L 13 22.42 -24.04 24.30
CA ASP L 13 23.61 -23.90 25.12
C ASP L 13 24.80 -24.47 24.39
N LYS L 14 24.61 -25.65 23.78
CA LYS L 14 25.68 -26.32 23.07
C LYS L 14 26.14 -25.51 21.87
N THR L 15 25.29 -24.65 21.33
CA THR L 15 25.71 -23.86 20.17
C THR L 15 26.45 -22.57 20.53
N ILE L 16 26.75 -22.41 21.82
CA ILE L 16 27.61 -21.33 22.24
C ILE L 16 28.98 -21.57 21.60
N ASN L 17 29.57 -20.50 21.06
CA ASN L 17 30.86 -20.55 20.36
C ASN L 17 30.83 -21.11 18.95
N GLN L 18 29.65 -21.46 18.47
CA GLN L 18 29.51 -21.94 17.10
C GLN L 18 28.87 -20.89 16.22
N LYS L 19 28.62 -21.25 14.97
CA LYS L 19 27.92 -20.37 14.06
C LYS L 19 26.43 -20.73 14.13
N VAL L 20 25.59 -19.71 14.30
CA VAL L 20 24.17 -19.88 14.43
C VAL L 20 23.44 -18.97 13.47
N LEU L 21 22.28 -19.44 13.03
CA LEU L 21 21.41 -18.70 12.14
C LEU L 21 20.12 -18.40 12.89
N ILE L 22 19.83 -17.12 13.10
CA ILE L 22 18.58 -16.74 13.76
C ILE L 22 17.56 -16.15 12.80
N VAL L 23 16.38 -16.76 12.75
CA VAL L 23 15.33 -16.35 11.84
C VAL L 23 14.23 -15.66 12.61
N LEU L 24 13.99 -14.40 12.26
CA LEU L 24 12.93 -13.59 12.88
C LEU L 24 11.55 -14.00 12.40
N GLN L 25 10.51 -13.62 13.15
CA GLN L 25 9.15 -13.87 12.70
C GLN L 25 8.82 -12.99 11.50
N SER L 26 9.77 -12.15 11.09
CA SER L 26 9.67 -11.38 9.87
C SER L 26 10.57 -11.98 8.83
N ASN L 27 10.91 -11.19 7.82
CA ASN L 27 11.71 -11.68 6.70
C ASN L 27 13.19 -11.37 6.85
N ARG L 28 13.68 -11.45 8.06
CA ARG L 28 15.04 -11.05 8.33
C ARG L 28 15.78 -12.15 9.07
N GLU L 29 17.06 -12.30 8.77
CA GLU L 29 17.87 -13.35 9.36
C GLU L 29 19.21 -12.81 9.81
N PHE L 30 19.74 -13.36 10.89
CA PHE L 30 21.09 -13.00 11.28
C PHE L 30 21.95 -14.25 11.33
N GLU L 31 23.16 -14.22 10.77
CA GLU L 31 24.09 -15.32 11.02
C GLU L 31 25.34 -14.83 11.70
N GLY L 32 25.78 -15.56 12.72
CA GLY L 32 27.01 -15.19 13.40
C GLY L 32 27.34 -16.14 14.51
N THR L 33 28.43 -15.90 15.21
CA THR L 33 28.80 -16.73 16.33
C THR L 33 27.89 -16.44 17.51
N LEU L 34 27.37 -17.50 18.11
CA LEU L 34 26.61 -17.36 19.32
C LEU L 34 27.54 -17.29 20.53
N VAL L 35 27.38 -16.24 21.33
CA VAL L 35 28.25 -16.02 22.48
C VAL L 35 27.51 -16.39 23.75
N GLY L 36 26.25 -15.95 23.83
CA GLY L 36 25.42 -16.18 25.01
C GLY L 36 23.94 -15.94 24.81
N PHE L 37 23.15 -16.45 25.75
CA PHE L 37 21.70 -16.23 25.78
C PHE L 37 21.19 -16.16 27.22
N ASP L 38 20.00 -15.59 27.41
CA ASP L 38 19.36 -15.56 28.73
C ASP L 38 18.04 -16.34 28.78
N ASP L 39 17.30 -16.20 29.87
CA ASP L 39 16.06 -16.96 30.04
C ASP L 39 14.94 -16.50 29.09
N PHE L 40 15.01 -15.25 28.66
CA PHE L 40 14.00 -14.69 27.78
C PHE L 40 14.41 -14.95 26.34
N VAL L 41 15.45 -15.78 26.20
CA VAL L 41 16.12 -16.07 24.92
C VAL L 41 16.43 -14.84 24.11
N ASN L 42 16.84 -13.79 24.80
CA ASN L 42 17.59 -12.74 24.14
C ASN L 42 18.89 -13.38 23.66
N VAL L 43 19.60 -12.77 22.74
CA VAL L 43 20.75 -13.45 22.16
C VAL L 43 21.92 -12.50 21.90
N ILE L 44 23.12 -12.90 22.35
CA ILE L 44 24.33 -12.21 21.93
C ILE L 44 24.87 -12.89 20.67
N LEU L 45 25.26 -12.08 19.69
CA LEU L 45 25.80 -12.57 18.42
C LEU L 45 27.09 -11.83 18.12
N GLU L 46 28.05 -12.51 17.52
CA GLU L 46 29.34 -11.90 17.22
C GLU L 46 29.60 -11.81 15.72
N ASP L 47 29.82 -10.60 15.23
CA ASP L 47 30.06 -10.36 13.81
C ASP L 47 28.91 -10.87 12.96
N ALA L 48 27.71 -10.51 13.35
CA ALA L 48 26.52 -10.93 12.60
C ALA L 48 26.54 -10.36 11.20
N VAL L 49 26.20 -11.19 10.22
CA VAL L 49 25.70 -10.68 8.97
C VAL L 49 24.17 -10.66 9.04
N GLU L 50 23.56 -9.55 8.63
CA GLU L 50 22.09 -9.37 8.67
C GLU L 50 21.51 -9.34 7.25
N TRP L 51 20.46 -10.14 7.04
CA TRP L 51 19.87 -10.35 5.72
C TRP L 51 18.36 -10.09 5.68
N LEU L 52 17.90 -9.51 4.59
CA LEU L 52 16.49 -9.51 4.23
C LEU L 52 16.21 -10.57 3.16
N ILE L 53 15.11 -11.31 3.34
CA ILE L 53 14.80 -12.53 2.60
C ILE L 53 13.68 -12.41 1.56
N ASP L 54 13.85 -13.10 0.44
CA ASP L 54 12.79 -13.33 -0.56
C ASP L 54 12.42 -12.11 -1.39
N ASN L 61 18.35 -12.71 -2.34
CA ASN L 61 18.15 -12.09 -1.03
C ASN L 61 18.64 -10.66 -0.99
N GLU L 62 19.07 -10.21 0.18
CA GLU L 62 19.79 -8.95 0.33
C GLU L 62 20.56 -8.83 1.64
N LYS L 63 21.85 -8.54 1.54
CA LYS L 63 22.72 -8.40 2.70
C LYS L 63 22.73 -6.96 3.16
N VAL L 64 22.04 -6.68 4.24
CA VAL L 64 21.85 -5.33 4.69
C VAL L 64 23.10 -4.73 5.35
N MET L 65 23.94 -5.57 5.95
CA MET L 65 25.01 -5.07 6.82
C MET L 65 25.94 -6.17 7.29
N GLN L 66 27.18 -5.81 7.61
CA GLN L 66 28.10 -6.70 8.32
C GLN L 66 28.38 -6.03 9.65
N HIS L 67 28.08 -6.73 10.73
CA HIS L 67 28.30 -6.16 12.05
C HIS L 67 29.67 -6.55 12.58
N HIS L 68 30.25 -5.68 13.39
CA HIS L 68 31.57 -5.92 13.94
C HIS L 68 31.52 -5.66 15.44
N GLY L 69 31.82 -6.69 16.22
CA GLY L 69 31.62 -6.62 17.65
C GLY L 69 30.47 -7.52 18.07
N ARG L 70 29.85 -7.21 19.20
CA ARG L 70 28.72 -7.99 19.71
C ARG L 70 27.40 -7.30 19.43
N MET L 71 26.37 -8.12 19.30
CA MET L 71 25.00 -7.67 19.05
C MET L 71 24.01 -8.34 20.01
N LEU L 72 23.36 -7.54 20.84
CA LEU L 72 22.19 -8.00 21.58
C LEU L 72 20.98 -8.05 20.69
N LEU L 73 20.56 -9.25 20.33
CA LEU L 73 19.43 -9.42 19.45
C LEU L 73 18.21 -9.78 20.27
N SER L 74 17.24 -8.88 20.29
CA SER L 74 16.07 -9.02 21.14
C SER L 74 15.30 -10.32 20.91
N GLY L 75 15.26 -11.17 21.94
CA GLY L 75 14.65 -12.48 21.82
C GLY L 75 13.20 -12.46 21.42
N ASN L 76 12.59 -11.30 21.62
CA ASN L 76 11.23 -10.93 21.27
C ASN L 76 10.72 -11.42 19.94
N ASN L 77 11.49 -11.14 18.90
CA ASN L 77 11.09 -11.37 17.53
C ASN L 77 11.70 -12.66 16.96
N ILE L 78 12.46 -13.36 17.80
CA ILE L 78 13.09 -14.60 17.39
C ILE L 78 12.05 -15.73 17.22
N ALA L 79 12.09 -16.39 16.07
CA ALA L 79 11.19 -17.48 15.74
C ALA L 79 11.93 -18.83 15.66
N ILE L 80 13.07 -18.82 14.96
CA ILE L 80 13.87 -20.05 14.78
C ILE L 80 15.34 -19.80 15.10
N LEU L 81 16.01 -20.81 15.63
CA LEU L 81 17.44 -20.80 15.73
C LEU L 81 17.89 -22.03 14.99
N VAL L 82 19.05 -21.95 14.35
CA VAL L 82 19.60 -23.06 13.59
C VAL L 82 21.10 -23.11 13.84
N PRO L 83 21.55 -24.09 14.62
CA PRO L 83 22.99 -24.32 14.74
C PRO L 83 23.67 -24.55 13.36
N GLY L 84 24.79 -23.87 13.10
CA GLY L 84 25.36 -23.82 11.77
C GLY L 84 25.21 -22.45 11.10
N ILE M 27 -1.09 -28.84 28.71
CA ILE M 27 -2.33 -29.58 28.49
C ILE M 27 -2.12 -30.61 27.40
N LEU M 28 -1.20 -30.29 26.50
CA LEU M 28 -0.77 -31.22 25.48
C LEU M 28 0.46 -31.94 26.00
N ASP M 29 0.48 -33.25 25.90
CA ASP M 29 1.65 -34.00 26.31
C ASP M 29 2.48 -34.36 25.07
N LEU M 30 3.47 -33.51 24.77
CA LEU M 30 4.30 -33.68 23.57
C LEU M 30 5.11 -34.97 23.55
N ALA M 31 5.18 -35.65 24.68
CA ALA M 31 5.95 -36.89 24.78
C ALA M 31 5.43 -37.95 23.82
N LYS M 32 4.17 -37.83 23.43
CA LYS M 32 3.58 -38.82 22.54
C LYS M 32 3.92 -38.52 21.10
N TYR M 33 4.81 -37.54 20.91
CA TYR M 33 5.24 -37.15 19.57
C TYR M 33 6.71 -37.43 19.34
N LYS M 34 7.35 -38.07 20.33
CA LYS M 34 8.76 -38.40 20.23
C LYS M 34 9.09 -39.00 18.88
N ASP M 35 10.11 -38.45 18.22
CA ASP M 35 10.52 -38.93 16.90
C ASP M 35 9.32 -39.03 15.97
N SER M 36 8.44 -38.05 16.03
CA SER M 36 7.24 -38.04 15.20
C SER M 36 7.24 -36.85 14.25
N LYS M 37 6.17 -36.71 13.48
CA LYS M 37 6.05 -35.62 12.52
C LYS M 37 4.94 -34.67 12.94
N ILE M 38 5.19 -33.37 12.77
CA ILE M 38 4.21 -32.36 13.15
C ILE M 38 4.30 -31.10 12.30
N ARG M 39 3.15 -30.60 11.87
CA ARG M 39 3.11 -29.36 11.10
C ARG M 39 2.85 -28.19 12.05
N VAL M 40 3.90 -27.42 12.31
CA VAL M 40 3.82 -26.33 13.28
C VAL M 40 3.62 -25.00 12.59
N LYS M 41 2.48 -24.37 12.88
CA LYS M 41 2.18 -23.04 12.36
C LYS M 41 2.76 -21.99 13.29
N LEU M 42 3.57 -21.09 12.74
CA LEU M 42 4.13 -19.98 13.51
C LEU M 42 3.46 -18.63 13.16
N MET M 43 3.68 -17.62 14.00
CA MET M 43 3.03 -16.34 13.81
C MET M 43 3.82 -15.39 12.92
N GLY M 44 3.33 -15.19 11.71
CA GLY M 44 3.98 -14.35 10.74
C GLY M 44 3.92 -15.13 9.45
N GLY M 45 3.08 -16.17 9.48
CA GLY M 45 2.86 -17.03 8.34
C GLY M 45 4.12 -17.76 7.99
N LYS M 46 4.43 -18.77 8.78
CA LYS M 46 5.62 -19.57 8.57
C LYS M 46 5.24 -20.96 9.01
N LEU M 47 5.20 -21.91 8.08
CA LEU M 47 4.86 -23.25 8.50
C LEU M 47 6.16 -23.98 8.68
N VAL M 48 6.19 -24.98 9.54
CA VAL M 48 7.42 -25.76 9.75
C VAL M 48 7.12 -27.23 10.02
N ILE M 49 7.64 -28.11 9.18
CA ILE M 49 7.45 -29.52 9.40
C ILE M 49 8.74 -30.16 9.87
N GLY M 50 8.70 -30.77 11.05
CA GLY M 50 9.92 -31.33 11.61
C GLY M 50 9.76 -32.65 12.35
N VAL M 51 10.87 -33.13 12.90
CA VAL M 51 10.87 -34.35 13.70
C VAL M 51 11.07 -34.00 15.17
N LEU M 52 10.01 -34.13 15.96
CA LEU M 52 10.01 -33.58 17.30
C LEU M 52 11.03 -34.28 18.13
N LYS M 53 12.20 -33.68 18.21
CA LYS M 53 13.34 -34.31 18.86
C LYS M 53 13.34 -34.07 20.36
N GLY M 54 12.66 -33.02 20.80
CA GLY M 54 12.66 -32.64 22.21
C GLY M 54 11.87 -31.36 22.39
N TYR M 55 11.72 -30.90 23.63
CA TYR M 55 10.80 -29.81 23.92
C TYR M 55 10.84 -29.43 25.40
N ASP M 56 10.20 -28.32 25.74
CA ASP M 56 10.13 -27.90 27.13
C ASP M 56 8.76 -27.37 27.51
N GLN M 57 8.72 -26.50 28.51
CA GLN M 57 7.45 -26.10 29.12
C GLN M 57 6.87 -24.76 28.65
N LEU M 58 7.74 -23.84 28.22
CA LEU M 58 7.28 -22.64 27.52
C LEU M 58 6.73 -23.06 26.16
N MET M 59 6.94 -24.34 25.83
CA MET M 59 6.56 -25.01 24.59
C MET M 59 7.48 -24.72 23.41
N ASN M 60 8.76 -24.60 23.73
CA ASN M 60 9.84 -24.58 22.76
C ASN M 60 10.06 -25.97 22.19
N LEU M 61 10.32 -26.03 20.89
CA LEU M 61 10.57 -27.29 20.23
C LEU M 61 12.04 -27.46 19.87
N VAL M 62 12.42 -28.70 19.60
CA VAL M 62 13.67 -28.98 18.88
C VAL M 62 13.27 -29.91 17.73
N LEU M 63 13.40 -29.43 16.50
CA LEU M 63 12.92 -30.18 15.36
C LEU M 63 14.07 -30.63 14.53
N ASP M 64 13.85 -31.69 13.75
CA ASP M 64 14.93 -32.29 12.97
C ASP M 64 14.49 -32.44 11.53
N ASP M 65 15.46 -32.37 10.61
CA ASP M 65 15.15 -32.35 9.20
C ASP M 65 14.13 -31.26 8.92
N THR M 66 14.20 -30.20 9.71
CA THR M 66 13.25 -29.11 9.65
C THR M 66 13.08 -28.66 8.20
N VAL M 67 11.84 -28.57 7.77
CA VAL M 67 11.57 -27.86 6.55
C VAL M 67 10.72 -26.64 6.88
N GLU M 68 11.17 -25.49 6.41
CA GLU M 68 10.49 -24.22 6.65
C GLU M 68 9.72 -23.80 5.42
N TYR M 69 8.40 -23.96 5.48
CA TYR M 69 7.54 -23.58 4.37
C TYR M 69 7.14 -22.11 4.48
N MET M 70 7.76 -21.28 3.62
CA MET M 70 7.68 -19.83 3.71
C MET M 70 6.53 -19.25 2.91
N ASN M 85 8.00 -22.04 -1.74
CA ASN M 85 8.25 -21.58 -0.39
C ASN M 85 9.07 -22.59 0.42
N ALA M 86 9.51 -23.65 -0.25
CA ALA M 86 10.25 -24.67 0.44
C ALA M 86 11.61 -24.14 0.83
N ARG M 87 11.98 -24.32 2.09
CA ARG M 87 13.29 -23.94 2.61
C ARG M 87 13.75 -24.98 3.62
N LYS M 88 14.98 -25.47 3.48
CA LYS M 88 15.44 -26.54 4.34
C LYS M 88 16.44 -26.04 5.36
N LEU M 89 16.13 -26.25 6.63
CA LEU M 89 17.10 -26.03 7.68
C LEU M 89 17.38 -27.41 8.25
N GLY M 90 18.31 -27.54 9.18
CA GLY M 90 18.61 -28.86 9.71
C GLY M 90 17.85 -29.25 10.97
N LEU M 91 18.60 -29.31 12.05
CA LEU M 91 18.06 -29.47 13.37
C LEU M 91 17.92 -28.07 13.91
N THR M 92 16.68 -27.65 14.15
CA THR M 92 16.41 -26.29 14.60
C THR M 92 15.73 -26.22 15.97
N VAL M 93 15.77 -25.03 16.56
CA VAL M 93 15.01 -24.75 17.77
C VAL M 93 13.93 -23.71 17.47
N ILE M 94 12.71 -23.97 17.91
CA ILE M 94 11.59 -23.10 17.60
C ILE M 94 11.06 -22.41 18.84
N ARG M 95 11.17 -21.10 18.89
CA ARG M 95 10.78 -20.37 20.08
C ARG M 95 9.25 -20.55 20.31
N GLY M 96 8.87 -21.06 21.47
CA GLY M 96 7.49 -21.45 21.66
C GLY M 96 6.61 -20.32 22.17
N THR M 97 6.98 -19.09 21.84
CA THR M 97 6.19 -17.92 22.21
C THR M 97 5.66 -17.25 20.97
N ILE M 98 5.93 -17.88 19.84
CA ILE M 98 5.43 -17.45 18.56
C ILE M 98 4.70 -18.65 17.92
N LEU M 99 4.62 -19.75 18.68
CA LEU M 99 3.99 -20.97 18.19
C LEU M 99 2.49 -20.77 18.14
N VAL M 100 1.92 -20.96 16.97
CA VAL M 100 0.51 -20.65 16.75
C VAL M 100 -0.36 -21.91 16.74
N SER M 101 0.04 -22.93 15.98
CA SER M 101 -0.63 -24.21 16.11
C SER M 101 0.34 -25.38 16.00
N LEU M 102 -0.13 -26.55 16.38
CA LEU M 102 0.69 -27.74 16.40
C LEU M 102 -0.13 -28.99 16.11
N SER M 103 0.02 -29.53 14.92
CA SER M 103 -0.65 -30.78 14.58
C SER M 103 0.39 -31.85 14.24
N SER M 104 -0.08 -33.00 13.76
CA SER M 104 0.85 -34.06 13.41
C SER M 104 1.07 -34.27 11.91
N ALA M 105 2.08 -35.07 11.59
CA ALA M 105 2.41 -35.41 10.22
C ALA M 105 2.64 -36.93 10.05
N MET N 1 -21.78 -16.09 33.41
CA MET N 1 -20.65 -17.01 33.48
C MET N 1 -19.51 -16.53 32.59
N LEU N 2 -18.31 -16.53 33.17
CA LEU N 2 -17.13 -16.11 32.43
C LEU N 2 -16.93 -17.07 31.27
N PRO N 3 -16.50 -16.53 30.12
CA PRO N 3 -16.31 -17.35 28.92
C PRO N 3 -15.31 -18.46 29.14
N LEU N 4 -14.31 -18.22 29.96
CA LEU N 4 -13.26 -19.21 30.24
C LEU N 4 -13.71 -20.43 31.09
N TYR N 5 -14.48 -20.16 32.15
CA TYR N 5 -15.12 -21.23 32.93
C TYR N 5 -16.07 -21.97 32.00
N LEU N 6 -16.72 -21.18 31.15
CA LEU N 6 -17.67 -21.72 30.18
C LEU N 6 -16.95 -22.43 29.08
N LEU N 7 -15.62 -22.46 29.17
CA LEU N 7 -14.82 -23.25 28.26
C LEU N 7 -14.33 -24.51 28.95
N THR N 8 -13.99 -24.39 30.23
CA THR N 8 -13.54 -25.55 31.02
C THR N 8 -14.68 -26.57 31.23
N ASN N 9 -15.90 -26.06 31.35
CA ASN N 9 -17.08 -26.91 31.45
C ASN N 9 -17.66 -27.18 30.08
N ALA N 10 -16.80 -27.16 29.07
CA ALA N 10 -17.21 -27.42 27.70
C ALA N 10 -16.47 -28.64 27.16
N LYS N 11 -15.48 -29.09 27.94
CA LYS N 11 -14.66 -30.25 27.62
C LYS N 11 -15.47 -31.51 27.27
N GLY N 12 -15.53 -31.84 25.98
CA GLY N 12 -16.27 -33.00 25.54
C GLY N 12 -17.28 -32.66 24.45
N GLN N 13 -17.73 -31.40 24.44
CA GLN N 13 -18.64 -30.91 23.41
C GLN N 13 -17.89 -30.65 22.10
N GLN N 14 -18.60 -30.22 21.06
CA GLN N 14 -17.95 -29.98 19.76
C GLN N 14 -18.00 -28.51 19.33
N MET N 15 -16.86 -27.97 18.89
CA MET N 15 -16.82 -26.53 18.59
C MET N 15 -16.08 -26.12 17.32
N GLN N 16 -16.25 -24.86 16.92
CA GLN N 16 -15.52 -24.34 15.77
C GLN N 16 -14.75 -23.07 16.13
N ILE N 17 -13.48 -23.04 15.77
CA ILE N 17 -12.63 -21.90 16.11
C ILE N 17 -12.25 -21.12 14.87
N GLU N 18 -12.20 -19.80 14.98
CA GLU N 18 -11.64 -19.01 13.90
C GLU N 18 -10.30 -18.42 14.34
N LEU N 19 -9.23 -18.87 13.68
CA LEU N 19 -7.91 -18.30 13.88
C LEU N 19 -7.83 -16.99 13.13
N LYS N 20 -6.93 -16.10 13.54
CA LYS N 20 -6.81 -14.83 12.84
C LYS N 20 -5.89 -15.01 11.63
N ASN N 21 -6.16 -16.05 10.86
CA ASN N 21 -5.46 -16.27 9.60
C ASN N 21 -6.41 -16.40 8.42
N GLY N 22 -7.71 -16.41 8.71
CA GLY N 22 -8.70 -16.69 7.67
C GLY N 22 -9.07 -18.15 7.80
N GLU N 23 -8.29 -18.88 8.58
CA GLU N 23 -8.44 -20.32 8.72
C GLU N 23 -9.49 -20.72 9.74
N ILE N 24 -10.21 -21.78 9.42
CA ILE N 24 -11.35 -22.19 10.21
C ILE N 24 -11.12 -23.61 10.73
N ILE N 25 -11.50 -23.89 11.97
CA ILE N 25 -11.26 -25.21 12.52
C ILE N 25 -12.46 -25.85 13.24
N GLN N 26 -13.07 -26.85 12.60
CA GLN N 26 -14.10 -27.65 13.26
C GLN N 26 -13.42 -28.74 14.08
N GLY N 27 -13.95 -29.07 15.25
CA GLY N 27 -13.34 -30.12 16.04
C GLY N 27 -13.90 -30.23 17.43
N ILE N 28 -13.96 -31.43 17.96
CA ILE N 28 -14.44 -31.60 19.32
C ILE N 28 -13.27 -31.26 20.24
N LEU N 29 -13.55 -30.88 21.48
CA LEU N 29 -12.52 -30.29 22.34
C LEU N 29 -12.12 -31.18 23.52
N THR N 30 -10.83 -31.49 23.62
CA THR N 30 -10.35 -32.42 24.67
C THR N 30 -9.68 -31.77 25.90
N ASN N 31 -9.18 -30.56 25.75
CA ASN N 31 -8.64 -29.85 26.93
C ASN N 31 -8.56 -28.33 26.73
N VAL N 32 -8.66 -27.57 27.84
CA VAL N 32 -8.59 -26.11 27.81
C VAL N 32 -7.75 -25.63 28.97
N ASP N 33 -7.20 -24.42 28.88
CA ASP N 33 -6.64 -23.76 30.07
C ASP N 33 -6.80 -22.23 30.14
N ASN N 34 -6.06 -21.63 31.06
CA ASN N 34 -6.23 -20.25 31.43
C ASN N 34 -5.82 -19.22 30.37
N TRP N 35 -5.05 -19.66 29.36
CA TRP N 35 -4.69 -18.76 28.28
C TRP N 35 -5.53 -19.08 27.03
N MET N 36 -6.55 -19.90 27.24
CA MET N 36 -7.42 -20.41 26.17
C MET N 36 -6.71 -21.27 25.15
N ASN N 37 -5.60 -21.88 25.56
CA ASN N 37 -4.94 -22.90 24.77
C ASN N 37 -5.87 -24.09 24.67
N LEU N 38 -5.94 -24.70 23.50
CA LEU N 38 -6.95 -25.72 23.26
C LEU N 38 -6.28 -26.97 22.75
N THR N 39 -6.71 -28.12 23.22
CA THR N 39 -6.34 -29.34 22.54
C THR N 39 -7.62 -29.93 22.04
N LEU N 40 -7.78 -29.89 20.72
CA LEU N 40 -8.93 -30.54 20.09
C LEU N 40 -8.57 -31.94 19.60
N SER N 41 -9.60 -32.77 19.42
CA SER N 41 -9.49 -34.02 18.67
C SER N 41 -10.71 -34.17 17.78
N ASN N 42 -10.62 -35.06 16.79
CA ASN N 42 -11.61 -35.14 15.71
C ASN N 42 -11.77 -33.78 15.02
N VAL N 43 -10.80 -33.48 14.17
CA VAL N 43 -10.53 -32.12 13.79
C VAL N 43 -10.42 -31.97 12.29
N THR N 44 -11.00 -30.91 11.76
CA THR N 44 -10.69 -30.52 10.40
C THR N 44 -10.41 -29.01 10.33
N GLU N 45 -9.45 -28.63 9.48
CA GLU N 45 -9.06 -27.24 9.30
C GLU N 45 -9.10 -26.82 7.82
N TYR N 46 -9.30 -25.53 7.57
CA TYR N 46 -9.43 -25.05 6.19
C TYR N 46 -8.37 -24.02 5.77
N SER N 47 -8.84 -23.03 5.02
CA SER N 47 -8.06 -21.84 4.70
C SER N 47 -8.92 -20.61 4.97
N VAL N 64 -8.28 -30.84 5.63
CA VAL N 64 -7.22 -31.53 6.36
C VAL N 64 -7.77 -32.12 7.66
N LYS N 65 -7.72 -33.45 7.77
CA LYS N 65 -8.38 -34.14 8.88
C LYS N 65 -7.35 -34.73 9.85
N LEU N 66 -7.39 -34.30 11.11
CA LEU N 66 -6.30 -34.57 12.06
C LEU N 66 -6.75 -35.15 13.40
N ASN N 67 -5.89 -35.98 14.01
CA ASN N 67 -6.23 -36.65 15.26
C ASN N 67 -6.38 -35.70 16.43
N GLU N 68 -5.38 -34.85 16.57
CA GLU N 68 -5.26 -33.92 17.67
C GLU N 68 -4.95 -32.57 17.04
N ILE N 69 -4.94 -31.51 17.85
CA ILE N 69 -4.40 -30.21 17.44
C ILE N 69 -4.41 -29.18 18.57
N TYR N 70 -3.24 -28.56 18.79
CA TYR N 70 -3.08 -27.59 19.85
C TYR N 70 -3.05 -26.23 19.23
N ILE N 71 -3.65 -25.26 19.93
CA ILE N 71 -3.74 -23.90 19.41
C ILE N 71 -3.39 -22.87 20.47
N ARG N 72 -2.59 -21.88 20.10
CA ARG N 72 -2.26 -20.81 21.02
C ARG N 72 -3.45 -19.87 21.12
N GLY N 73 -3.87 -19.59 22.35
CA GLY N 73 -5.02 -18.75 22.60
C GLY N 73 -4.95 -17.42 21.85
N THR N 74 -3.77 -16.82 21.83
CA THR N 74 -3.62 -15.50 21.27
C THR N 74 -3.72 -15.51 19.75
N PHE N 75 -4.03 -16.65 19.15
CA PHE N 75 -4.17 -16.66 17.71
C PHE N 75 -5.58 -16.94 17.30
N ILE N 76 -6.48 -16.82 18.28
CA ILE N 76 -7.90 -16.98 18.10
C ILE N 76 -8.54 -15.62 17.87
N LYS N 77 -9.34 -15.51 16.81
CA LYS N 77 -10.25 -14.37 16.69
C LYS N 77 -11.48 -14.67 17.54
N PHE N 78 -12.30 -15.63 17.09
CA PHE N 78 -13.50 -16.01 17.85
C PHE N 78 -13.76 -17.51 17.87
N ILE N 79 -14.78 -17.92 18.62
CA ILE N 79 -15.12 -19.33 18.75
C ILE N 79 -16.62 -19.56 18.62
N LYS N 80 -17.08 -19.96 17.43
CA LYS N 80 -18.47 -20.33 17.23
C LYS N 80 -18.82 -21.67 17.91
N LEU N 81 -19.88 -21.66 18.71
CA LEU N 81 -20.36 -22.89 19.34
C LEU N 81 -21.72 -23.34 18.78
N GLN N 82 -22.30 -24.32 19.45
CA GLN N 82 -23.53 -24.95 19.00
C GLN N 82 -24.73 -24.24 19.60
N ASP N 83 -25.91 -24.49 19.04
CA ASP N 83 -27.14 -23.87 19.53
C ASP N 83 -27.41 -24.25 20.97
#